data_2W92
#
_entry.id   2W92
#
_cell.length_a   134.880
_cell.length_b   59.040
_cell.length_c   96.500
_cell.angle_alpha   90.00
_cell.angle_beta   110.25
_cell.angle_gamma   90.00
#
_symmetry.space_group_name_H-M   'C 1 2 1'
#
loop_
_entity.id
_entity.type
_entity.pdbx_description
1 polymer 'ENDO-BETA-N-ACETYLGLUCOSAMINIDASE D'
2 non-polymer 'PENTAETHYLENE GLYCOL'
3 non-polymer 3AR,5R,6S,7R,7AR-5-HYDROXYMETHYL-2-METHYL-5,6,7,7A-TETRAHYDRO-3AH-PYRANO[3,2-D]THIAZOLE-6,7-DIOL
4 water water
#
_entity_poly.entity_id   1
_entity_poly.type   'polypeptide(L)'
_entity_poly.pdbx_seq_one_letter_code
;GSHMKTLKPKEIKFNSWEELLKWEPGAREDDAINRGSVVLASRRTGHLVNEKASKEAKVQALSNTNSKAKDHASVGGEEF
KAYAFDYWQYLDSMVFWEGLVPTPDVIDAGHRNGVPVYGTLFFNWSNSIADQERFAEALKQDADGSFPIARKLVDMAKYY
GYDGYFINQETTGDLVKPLGEKMRQFMLYSKEYAAKVNHPIKYSWYDAMTYNYGRYHQDGLGEYNYQFMQPEGDKVPADN
FFANFNWDKAKNDYTIATANWIGRNPYDVFAGLELQQGGSYKTKVKWNDILDENGKLRLSLGLFAPDTITSLGKTGEDYH
KNEDIFFTGYQGDPTGQKPGDKDWYGIANLVADRTPAVGNTFTTSFNTGHGKKWFVDGKVSKDSEWNYRSVSGVLPTWRW
WQTSTGEKLRAEYDFTDAYNGGNSLKFSGDVAGKTDQDVRLYSTKLEVTEKTKLRVAHKGGKGSKVYMAFSTTPDYKFDD
ADAWKELTLSDNWTNEEFDLSSLAGKTIYAVKLFFEHEGAVKDYQFNLGQLTISDNHQEPQSPTSFSVVKQSLKNAQEAE
AVVQFKGNKDADFYEVYEKDGDSWKLLTGSSSTTIYLPKVSRSASAQGTTQELKVVAVGKNGVRSEAATTTFDWGMTVKD
TSLPKPLAENIVP
;
_entity_poly.pdbx_strand_id   A
#
# COMPACT_ATOMS: atom_id res chain seq x y z
N THR A 6 15.10 22.60 -11.24
CA THR A 6 14.69 21.15 -11.39
C THR A 6 13.26 20.96 -10.95
N LEU A 7 12.45 20.37 -11.83
CA LEU A 7 11.02 20.19 -11.59
C LEU A 7 10.71 18.81 -11.02
N LYS A 8 11.47 17.80 -11.44
CA LYS A 8 11.17 16.42 -11.04
C LYS A 8 11.38 16.29 -9.52
N PRO A 9 10.36 15.78 -8.78
CA PRO A 9 10.49 15.54 -7.34
C PRO A 9 11.37 14.28 -7.12
N LYS A 10 12.21 14.36 -6.08
CA LYS A 10 13.20 13.33 -5.83
CA LYS A 10 13.25 13.40 -5.80
C LYS A 10 13.20 12.87 -4.36
N GLU A 11 13.65 11.64 -4.16
CA GLU A 11 13.79 11.10 -2.81
C GLU A 11 14.67 12.00 -1.96
N ILE A 12 14.35 12.02 -0.68
CA ILE A 12 15.03 12.88 0.29
C ILE A 12 16.16 12.07 0.98
N LYS A 13 17.39 12.57 0.86
CA LYS A 13 18.57 11.93 1.35
C LYS A 13 19.53 12.99 1.88
N PHE A 14 20.12 12.68 3.03
CA PHE A 14 21.02 13.60 3.73
C PHE A 14 22.43 13.05 3.70
N ASN A 15 23.41 13.90 3.47
CA ASN A 15 24.81 13.47 3.41
C ASN A 15 25.49 13.44 4.77
N SER A 16 24.87 14.08 5.76
CA SER A 16 25.47 14.22 7.09
C SER A 16 24.36 14.54 8.07
N TRP A 17 24.67 14.38 9.35
CA TRP A 17 23.76 14.80 10.41
C TRP A 17 23.61 16.34 10.43
N GLU A 18 24.68 17.07 10.12
CA GLU A 18 24.59 18.53 10.03
C GLU A 18 23.56 18.97 9.02
N GLU A 19 23.49 18.26 7.88
CA GLU A 19 22.48 18.54 6.88
C GLU A 19 21.05 18.32 7.42
N LEU A 20 20.85 17.20 8.11
CA LEU A 20 19.54 16.94 8.74
C LEU A 20 19.19 18.02 9.77
N LEU A 21 20.18 18.44 10.56
CA LEU A 21 19.91 19.48 11.56
C LEU A 21 19.52 20.82 10.90
N LYS A 22 19.91 21.03 9.64
CA LYS A 22 19.52 22.22 8.90
C LYS A 22 18.15 22.09 8.18
N TRP A 23 17.61 20.87 8.19
CA TRP A 23 16.28 20.66 7.58
C TRP A 23 15.23 21.56 8.24
N GLU A 24 14.32 22.14 7.44
CA GLU A 24 13.16 22.84 7.98
C GLU A 24 11.94 22.54 7.11
N PRO A 25 10.77 22.52 7.74
CA PRO A 25 9.59 22.24 6.89
C PRO A 25 9.47 23.27 5.74
N GLY A 26 9.22 22.78 4.53
CA GLY A 26 9.01 23.65 3.37
C GLY A 26 10.23 24.24 2.71
N ALA A 27 11.44 23.90 3.18
CA ALA A 27 12.61 24.60 2.70
C ALA A 27 13.25 23.94 1.47
N ARG A 28 12.58 22.90 0.93
CA ARG A 28 13.04 22.24 -0.28
C ARG A 28 12.05 22.48 -1.43
N GLU A 29 12.58 22.70 -2.63
CA GLU A 29 11.71 23.05 -3.75
C GLU A 29 10.63 21.98 -4.12
N ASP A 30 10.91 20.72 -3.80
CA ASP A 30 9.97 19.60 -4.07
C ASP A 30 9.16 19.13 -2.81
N ASP A 31 9.28 19.87 -1.69
CA ASP A 31 8.47 19.56 -0.51
C ASP A 31 6.98 19.46 -0.82
N ALA A 32 6.44 20.40 -1.59
CA ALA A 32 4.99 20.40 -1.81
C ALA A 32 4.54 19.07 -2.44
N ILE A 33 5.39 18.48 -3.28
CA ILE A 33 5.07 17.16 -3.89
C ILE A 33 5.43 15.99 -2.94
N ASN A 34 6.56 16.08 -2.23
CA ASN A 34 7.05 14.97 -1.40
C ASN A 34 6.19 14.64 -0.15
N ARG A 35 5.35 15.58 0.29
CA ARG A 35 4.51 15.31 1.44
C ARG A 35 3.51 14.20 1.11
N GLY A 36 3.30 13.27 2.06
CA GLY A 36 2.10 12.44 2.04
C GLY A 36 0.85 13.30 2.07
N SER A 37 -0.23 12.79 1.43
CA SER A 37 -1.50 13.52 1.36
C SER A 37 -2.69 12.75 1.95
N VAL A 38 -2.53 11.44 2.17
CA VAL A 38 -3.64 10.64 2.63
C VAL A 38 -3.41 10.28 4.09
N VAL A 39 -4.38 10.64 4.93
CA VAL A 39 -4.27 10.27 6.37
C VAL A 39 -4.41 8.75 6.56
N LEU A 40 -3.68 8.22 7.53
CA LEU A 40 -3.72 6.77 7.80
C LEU A 40 -5.18 6.33 8.18
N ALA A 41 -5.74 5.46 7.34
CA ALA A 41 -7.09 4.91 7.51
C ALA A 41 -7.17 3.95 8.68
N SER A 42 -8.35 3.92 9.31
CA SER A 42 -8.66 2.87 10.28
C SER A 42 -9.03 1.58 9.55
N ARG A 43 -8.85 0.48 10.26
CA ARG A 43 -9.21 -0.84 9.77
C ARG A 43 -9.97 -1.67 10.79
N ARG A 44 -10.83 -2.54 10.26
CA ARG A 44 -11.49 -3.59 11.02
C ARG A 44 -10.75 -4.90 10.83
N THR A 45 -10.75 -5.73 11.85
CA THR A 45 -10.32 -7.11 11.71
C THR A 45 -11.60 -7.99 11.64
N GLY A 46 -11.88 -8.52 10.46
CA GLY A 46 -13.05 -9.33 10.20
C GLY A 46 -12.99 -10.73 10.81
N HIS A 47 -14.10 -11.47 10.72
CA HIS A 47 -14.12 -12.89 11.09
C HIS A 47 -12.98 -13.68 10.41
N LEU A 48 -12.34 -14.58 11.14
CA LEU A 48 -11.27 -15.42 10.53
C LEU A 48 -11.89 -16.23 9.39
N VAL A 49 -11.19 -16.36 8.27
CA VAL A 49 -11.63 -17.23 7.15
C VAL A 49 -10.80 -18.50 6.94
N ASN A 50 -9.65 -18.58 7.63
CA ASN A 50 -8.81 -19.73 7.61
C ASN A 50 -8.64 -20.27 9.04
N GLU A 51 -8.89 -21.56 9.21
CA GLU A 51 -8.81 -22.22 10.50
C GLU A 51 -7.42 -22.17 11.17
N LYS A 52 -6.37 -21.99 10.38
CA LYS A 52 -5.00 -21.89 10.92
C LYS A 52 -4.52 -20.48 11.10
N ALA A 53 -5.34 -19.48 10.73
CA ALA A 53 -4.93 -18.06 10.80
C ALA A 53 -4.95 -17.54 12.22
N SER A 54 -4.08 -16.56 12.49
CA SER A 54 -3.97 -15.91 13.79
C SER A 54 -4.34 -14.40 13.71
N LYS A 55 -5.10 -13.94 14.70
CA LYS A 55 -5.36 -12.52 14.85
C LYS A 55 -4.26 -11.86 15.67
N GLU A 56 -3.42 -12.65 16.36
CA GLU A 56 -2.30 -12.08 17.13
C GLU A 56 -1.02 -11.86 16.33
N ALA A 57 -0.72 -12.78 15.40
CA ALA A 57 0.48 -12.75 14.58
C ALA A 57 0.37 -11.56 13.60
N LYS A 58 1.47 -10.84 13.46
CA LYS A 58 1.57 -9.67 12.57
C LYS A 58 2.66 -9.90 11.51
N VAL A 59 2.59 -9.09 10.46
CA VAL A 59 3.56 -9.10 9.38
C VAL A 59 4.09 -7.70 9.10
N GLN A 60 5.41 -7.57 9.18
CA GLN A 60 6.08 -6.34 8.74
C GLN A 60 6.92 -6.61 7.50
N ALA A 61 6.73 -5.75 6.51
CA ALA A 61 7.51 -5.85 5.27
C ALA A 61 8.64 -4.83 5.20
N LEU A 62 9.86 -5.31 4.93
CA LEU A 62 11.04 -4.44 4.73
C LEU A 62 11.32 -4.46 3.26
N SER A 63 10.83 -3.46 2.53
CA SER A 63 10.87 -3.51 1.06
C SER A 63 11.64 -2.31 0.42
N ASN A 64 12.41 -2.63 -0.62
CA ASN A 64 13.00 -1.60 -1.50
C ASN A 64 11.85 -1.34 -2.48
N THR A 65 11.10 -0.28 -2.19
CA THR A 65 9.84 -0.04 -2.87
C THR A 65 9.95 0.65 -4.23
N ASN A 66 11.08 1.29 -4.48
CA ASN A 66 11.19 2.23 -5.61
C ASN A 66 12.18 1.82 -6.67
N SER A 67 12.03 2.43 -7.84
CA SER A 67 13.01 2.27 -8.89
C SER A 67 14.39 2.67 -8.35
N LYS A 68 15.44 2.00 -8.84
CA LYS A 68 16.81 2.46 -8.57
C LYS A 68 17.42 3.32 -9.69
N ALA A 69 16.69 3.44 -10.81
CA ALA A 69 17.14 4.22 -11.95
C ALA A 69 17.57 5.62 -11.52
N LYS A 70 18.73 6.08 -12.03
CA LYS A 70 19.11 7.46 -11.78
C LYS A 70 18.02 8.41 -12.28
N ASP A 71 17.83 9.50 -11.59
CA ASP A 71 16.79 10.45 -11.95
C ASP A 71 15.36 9.85 -12.02
N HIS A 72 15.09 8.79 -11.26
CA HIS A 72 13.68 8.38 -11.08
C HIS A 72 12.98 9.41 -10.17
N ALA A 73 11.69 9.61 -10.44
CA ALA A 73 10.87 10.53 -9.61
C ALA A 73 10.40 9.86 -8.32
N SER A 74 10.20 10.67 -7.30
CA SER A 74 9.66 10.17 -6.01
C SER A 74 8.17 9.78 -6.04
N VAL A 75 7.47 10.17 -7.12
CA VAL A 75 6.05 9.91 -7.28
C VAL A 75 5.74 8.69 -8.16
N GLY A 76 6.79 8.18 -8.84
CA GLY A 76 6.58 7.07 -9.80
C GLY A 76 7.21 7.42 -11.12
N GLY A 77 6.56 6.99 -12.20
CA GLY A 77 7.07 7.31 -13.52
C GLY A 77 6.25 6.77 -14.64
N GLU A 78 6.77 6.99 -15.88
CA GLU A 78 6.08 6.56 -17.10
C GLU A 78 6.47 5.11 -17.49
N GLU A 79 6.29 4.18 -16.55
CA GLU A 79 6.63 2.78 -16.75
C GLU A 79 5.67 1.93 -15.92
N PHE A 80 5.24 0.82 -16.50
CA PHE A 80 4.25 -0.08 -15.84
C PHE A 80 4.94 -0.85 -14.69
N LYS A 81 6.09 -1.45 -15.01
CA LYS A 81 6.80 -2.28 -14.02
C LYS A 81 7.13 -1.46 -12.77
N ALA A 82 6.67 -1.96 -11.65
CA ALA A 82 6.79 -1.31 -10.35
C ALA A 82 6.43 -2.30 -9.23
N TYR A 83 6.89 -2.00 -8.03
CA TYR A 83 6.49 -2.74 -6.81
C TYR A 83 5.10 -2.17 -6.42
N ALA A 84 4.06 -2.56 -7.17
CA ALA A 84 2.73 -1.99 -7.10
C ALA A 84 1.98 -2.75 -6.01
N PHE A 85 2.49 -2.63 -4.77
CA PHE A 85 2.06 -3.48 -3.65
C PHE A 85 0.56 -3.25 -3.37
N ASP A 86 -0.17 -4.34 -3.24
CA ASP A 86 -1.58 -4.25 -2.90
C ASP A 86 -2.08 -5.31 -1.90
N TYR A 87 -1.15 -5.98 -1.19
CA TYR A 87 -1.56 -6.98 -0.20
C TYR A 87 -1.55 -6.40 1.21
N TRP A 88 -1.98 -5.15 1.29
CA TRP A 88 -1.97 -4.37 2.55
C TRP A 88 -2.78 -5.09 3.64
N GLN A 89 -3.81 -5.86 3.23
CA GLN A 89 -4.71 -6.52 4.17
C GLN A 89 -4.03 -7.47 5.16
N TYR A 90 -2.84 -7.94 4.80
CA TYR A 90 -2.07 -8.84 5.67
C TYR A 90 -0.91 -8.17 6.41
N LEU A 91 -0.66 -6.86 6.15
CA LEU A 91 0.48 -6.16 6.76
C LEU A 91 0.06 -5.34 8.00
N ASP A 92 0.93 -5.42 9.00
CA ASP A 92 0.98 -4.51 10.18
C ASP A 92 1.59 -3.17 9.75
N SER A 93 2.62 -3.26 8.90
CA SER A 93 3.34 -2.04 8.49
C SER A 93 4.22 -2.34 7.30
N MET A 94 4.57 -1.25 6.60
CA MET A 94 5.48 -1.28 5.45
CA MET A 94 5.53 -1.32 5.52
C MET A 94 6.70 -0.42 5.83
N VAL A 95 7.88 -1.02 5.78
CA VAL A 95 9.14 -0.32 5.95
C VAL A 95 9.73 -0.03 4.57
N PHE A 96 9.88 1.28 4.36
CA PHE A 96 10.58 1.87 3.22
C PHE A 96 12.11 1.69 3.42
N TRP A 97 12.66 0.62 2.87
CA TRP A 97 14.03 0.21 3.19
C TRP A 97 15.13 1.12 2.67
N GLU A 98 14.88 1.78 1.54
CA GLU A 98 15.90 2.45 0.74
C GLU A 98 16.38 3.76 1.36
N GLY A 99 15.62 4.33 2.32
CA GLY A 99 16.01 5.60 2.89
C GLY A 99 15.24 6.00 4.11
N LEU A 100 15.64 7.16 4.59
CA LEU A 100 15.12 7.70 5.84
C LEU A 100 13.67 8.23 5.72
N VAL A 101 13.32 8.72 4.54
CA VAL A 101 12.06 9.40 4.30
C VAL A 101 11.28 8.72 3.17
N PRO A 102 10.18 8.03 3.52
CA PRO A 102 9.39 7.34 2.47
C PRO A 102 8.82 8.35 1.46
N THR A 103 8.75 7.90 0.20
CA THR A 103 8.22 8.69 -0.88
C THR A 103 6.66 8.75 -0.81
N PRO A 104 6.06 9.84 -1.36
CA PRO A 104 4.60 10.05 -1.18
C PRO A 104 3.75 8.94 -1.84
N ASP A 105 4.28 8.40 -2.94
CA ASP A 105 3.57 7.30 -3.63
C ASP A 105 3.32 6.07 -2.73
N VAL A 106 4.32 5.72 -1.90
CA VAL A 106 4.18 4.63 -0.90
C VAL A 106 3.37 5.06 0.34
N ILE A 107 3.61 6.27 0.84
CA ILE A 107 2.85 6.75 2.04
C ILE A 107 1.34 6.76 1.70
N ASP A 108 1.02 7.34 0.53
CA ASP A 108 -0.39 7.50 0.16
C ASP A 108 -1.14 6.16 -0.04
N ALA A 109 -0.47 5.22 -0.72
CA ALA A 109 -1.04 3.90 -1.02
C ALA A 109 -1.25 3.16 0.31
N GLY A 110 -0.24 3.21 1.18
CA GLY A 110 -0.34 2.49 2.46
C GLY A 110 -1.41 3.09 3.35
N HIS A 111 -1.38 4.42 3.47
CA HIS A 111 -2.36 5.15 4.29
C HIS A 111 -3.81 4.95 3.83
N ARG A 112 -4.06 4.99 2.51
CA ARG A 112 -5.43 4.76 2.03
C ARG A 112 -5.90 3.34 2.45
N ASN A 113 -4.94 2.41 2.45
CA ASN A 113 -5.20 1.00 2.88
C ASN A 113 -5.06 0.70 4.39
N GLY A 114 -4.85 1.75 5.19
CA GLY A 114 -4.82 1.57 6.67
C GLY A 114 -3.53 0.98 7.23
N VAL A 115 -2.47 1.07 6.46
CA VAL A 115 -1.16 0.57 6.86
C VAL A 115 -0.11 1.70 7.07
N PRO A 116 0.49 1.72 8.27
CA PRO A 116 1.57 2.70 8.51
C PRO A 116 2.82 2.38 7.69
N VAL A 117 3.54 3.45 7.39
CA VAL A 117 4.73 3.39 6.57
C VAL A 117 5.87 4.05 7.35
N TYR A 118 6.98 3.35 7.46
CA TYR A 118 8.15 3.76 8.19
C TYR A 118 9.36 3.96 7.28
N GLY A 119 10.17 4.99 7.58
CA GLY A 119 11.45 5.19 6.95
C GLY A 119 12.46 4.25 7.65
N THR A 120 13.65 4.21 7.12
CA THR A 120 14.72 3.37 7.68
C THR A 120 15.91 4.24 8.05
N LEU A 121 16.36 4.06 9.29
CA LEU A 121 17.56 4.69 9.83
C LEU A 121 18.58 3.56 9.85
N PHE A 122 19.49 3.59 8.88
CA PHE A 122 20.42 2.50 8.63
C PHE A 122 21.83 2.93 9.03
N PHE A 123 22.42 2.22 10.00
CA PHE A 123 23.84 2.36 10.35
C PHE A 123 24.61 1.14 9.80
N ASN A 124 25.63 1.44 9.01
CA ASN A 124 26.34 0.43 8.20
C ASN A 124 26.93 -0.73 9.02
N TRP A 125 26.95 -1.91 8.38
CA TRP A 125 27.62 -3.10 8.92
C TRP A 125 29.12 -2.78 8.77
N SER A 126 29.74 -2.36 9.87
CA SER A 126 31.07 -1.76 9.84
C SER A 126 31.58 -1.54 11.26
N ASN A 127 32.91 -1.49 11.40
CA ASN A 127 33.54 -0.99 12.60
C ASN A 127 34.50 0.17 12.27
N SER A 128 34.34 0.78 11.10
CA SER A 128 35.17 1.94 10.77
C SER A 128 34.95 3.05 11.80
N ILE A 129 36.01 3.81 12.15
CA ILE A 129 35.83 4.96 12.99
C ILE A 129 34.79 5.93 12.40
N ALA A 130 34.87 6.17 11.07
CA ALA A 130 33.88 7.04 10.39
C ALA A 130 32.43 6.54 10.71
N ASP A 131 32.19 5.23 10.62
CA ASP A 131 30.81 4.73 10.90
C ASP A 131 30.47 4.79 12.40
N GLN A 132 31.43 4.40 13.24
CA GLN A 132 31.26 4.53 14.68
C GLN A 132 30.91 5.98 15.09
N GLU A 133 31.57 6.97 14.47
CA GLU A 133 31.31 8.37 14.73
C GLU A 133 29.94 8.81 14.20
N ARG A 134 29.57 8.32 13.02
CA ARG A 134 28.23 8.63 12.47
C ARG A 134 27.12 8.16 13.47
N PHE A 135 27.34 7.00 14.06
CA PHE A 135 26.43 6.46 15.04
C PHE A 135 26.41 7.30 16.34
N ALA A 136 27.60 7.53 16.94
CA ALA A 136 27.73 8.37 18.14
C ALA A 136 27.12 9.75 17.91
N GLU A 137 27.35 10.33 16.72
CA GLU A 137 26.89 11.68 16.41
C GLU A 137 25.33 11.75 16.45
N ALA A 138 24.67 10.65 16.06
CA ALA A 138 23.20 10.62 16.07
C ALA A 138 22.67 10.83 17.50
N LEU A 139 23.44 10.32 18.48
CA LEU A 139 23.04 10.30 19.88
C LEU A 139 23.52 11.52 20.70
N LYS A 140 24.01 12.57 20.01
CA LYS A 140 24.30 13.85 20.66
C LYS A 140 23.10 14.31 21.48
N GLN A 141 23.36 14.76 22.72
CA GLN A 141 22.35 15.37 23.53
C GLN A 141 22.55 16.85 23.86
N ASP A 142 21.43 17.57 23.99
CA ASP A 142 21.41 18.89 24.58
C ASP A 142 21.67 18.77 26.10
N ALA A 143 21.93 19.91 26.74
CA ALA A 143 22.11 19.92 28.20
C ALA A 143 20.96 19.25 29.00
N ASP A 144 19.73 19.38 28.52
CA ASP A 144 18.56 18.81 29.18
C ASP A 144 18.39 17.31 28.91
N GLY A 145 19.30 16.73 28.16
CA GLY A 145 19.26 15.28 27.88
C GLY A 145 18.44 14.93 26.63
N SER A 146 17.83 15.93 26.00
CA SER A 146 17.09 15.65 24.77
C SER A 146 18.07 15.35 23.62
N PHE A 147 17.54 14.76 22.55
CA PHE A 147 18.33 14.42 21.36
C PHE A 147 17.83 15.26 20.14
N PRO A 148 18.63 16.27 19.70
CA PRO A 148 18.22 17.07 18.53
C PRO A 148 17.93 16.26 17.26
N ILE A 149 18.69 15.19 17.01
CA ILE A 149 18.42 14.35 15.82
C ILE A 149 17.08 13.64 15.94
N ALA A 150 16.74 13.14 17.14
CA ALA A 150 15.39 12.57 17.38
C ALA A 150 14.30 13.57 17.03
N ARG A 151 14.44 14.82 17.45
CA ARG A 151 13.45 15.86 17.09
C ARG A 151 13.31 15.98 15.57
N LYS A 152 14.41 16.04 14.83
CA LYS A 152 14.31 16.20 13.38
C LYS A 152 13.61 14.99 12.74
N LEU A 153 13.93 13.79 13.20
CA LEU A 153 13.22 12.60 12.70
C LEU A 153 11.70 12.68 12.91
N VAL A 154 11.32 13.09 14.11
CA VAL A 154 9.89 13.23 14.44
C VAL A 154 9.28 14.36 13.58
N ASP A 155 9.96 15.51 13.50
CA ASP A 155 9.49 16.66 12.69
C ASP A 155 9.23 16.29 11.22
N MET A 156 10.14 15.52 10.64
CA MET A 156 9.99 15.02 9.27
C MET A 156 8.80 14.07 9.14
N ALA A 157 8.68 13.13 10.08
CA ALA A 157 7.54 12.19 10.08
C ALA A 157 6.20 12.99 10.09
N LYS A 158 6.16 14.06 10.89
CA LYS A 158 4.95 14.87 10.98
C LYS A 158 4.68 15.64 9.69
N TYR A 159 5.75 16.27 9.18
CA TYR A 159 5.63 17.12 8.00
C TYR A 159 5.28 16.36 6.73
N TYR A 160 6.02 15.30 6.47
CA TYR A 160 5.79 14.44 5.26
C TYR A 160 4.66 13.40 5.50
N GLY A 161 4.27 13.23 6.76
CA GLY A 161 3.10 12.44 7.04
C GLY A 161 3.30 10.94 7.01
N TYR A 162 4.35 10.49 7.68
CA TYR A 162 4.61 9.05 7.85
C TYR A 162 4.76 8.70 9.35
N ASP A 163 4.93 7.42 9.65
CA ASP A 163 4.53 6.90 10.95
C ASP A 163 5.64 6.50 11.93
N GLY A 164 6.88 6.68 11.50
CA GLY A 164 8.03 6.33 12.31
C GLY A 164 9.11 5.68 11.51
N TYR A 165 9.96 4.91 12.22
CA TYR A 165 11.20 4.42 11.64
C TYR A 165 11.52 2.96 12.03
N PHE A 166 12.18 2.29 11.12
CA PHE A 166 12.95 1.06 11.41
C PHE A 166 14.41 1.44 11.60
N ILE A 167 15.00 1.02 12.72
CA ILE A 167 16.41 1.28 13.00
C ILE A 167 17.19 -0.02 12.80
N ASN A 168 18.14 0.05 11.85
CA ASN A 168 19.03 -1.08 11.57
C ASN A 168 20.43 -0.68 12.05
N GLN A 169 20.75 -1.00 13.30
CA GLN A 169 22.01 -0.54 13.91
C GLN A 169 23.08 -1.61 13.81
N GLU A 170 23.75 -1.67 12.66
CA GLU A 170 24.75 -2.73 12.38
C GLU A 170 26.22 -2.28 12.60
N THR A 171 26.42 -1.04 13.02
CA THR A 171 27.75 -0.52 13.31
C THR A 171 28.26 -1.03 14.66
N THR A 172 29.53 -1.42 14.72
CA THR A 172 30.11 -1.99 15.92
C THR A 172 31.50 -1.36 16.19
N GLY A 173 32.03 -1.72 17.35
CA GLY A 173 33.38 -1.38 17.80
C GLY A 173 33.41 -0.68 19.15
N ASP A 174 34.60 -0.26 19.52
CA ASP A 174 34.83 0.21 20.89
C ASP A 174 34.05 1.46 21.27
N LEU A 175 33.81 2.35 20.31
CA LEU A 175 33.09 3.59 20.56
C LEU A 175 31.57 3.33 20.60
N VAL A 176 31.15 2.25 19.94
CA VAL A 176 29.73 1.85 19.90
C VAL A 176 29.28 1.18 21.20
N LYS A 177 30.12 0.29 21.70
CA LYS A 177 29.72 -0.60 22.81
C LYS A 177 29.00 0.08 23.99
N PRO A 178 29.53 1.23 24.47
CA PRO A 178 28.95 1.84 25.68
C PRO A 178 27.72 2.69 25.42
N LEU A 179 27.24 2.71 24.17
CA LEU A 179 26.15 3.61 23.78
C LEU A 179 24.74 2.97 23.79
N GLY A 180 24.60 1.75 24.33
CA GLY A 180 23.26 1.08 24.44
C GLY A 180 22.26 1.95 25.20
N GLU A 181 22.68 2.49 26.34
CA GLU A 181 21.75 3.29 27.15
C GLU A 181 21.29 4.52 26.37
N LYS A 182 22.21 5.26 25.75
CA LYS A 182 21.81 6.43 24.98
C LYS A 182 20.88 6.07 23.81
N MET A 183 21.17 4.95 23.15
CA MET A 183 20.33 4.53 22.02
C MET A 183 18.90 4.24 22.53
N ARG A 184 18.82 3.51 23.63
CA ARG A 184 17.51 3.23 24.23
C ARG A 184 16.78 4.56 24.59
N GLN A 185 17.49 5.49 25.24
CA GLN A 185 16.93 6.80 25.62
C GLN A 185 16.52 7.65 24.40
N PHE A 186 17.28 7.54 23.31
CA PHE A 186 16.91 8.20 22.04
C PHE A 186 15.49 7.79 21.60
N MET A 187 15.21 6.50 21.68
CA MET A 187 13.91 5.98 21.27
C MET A 187 12.81 6.43 22.23
N LEU A 188 13.05 6.32 23.53
CA LEU A 188 12.07 6.78 24.56
C LEU A 188 11.81 8.29 24.44
N TYR A 189 12.88 9.07 24.32
CA TYR A 189 12.74 10.52 24.16
C TYR A 189 11.93 10.87 22.93
N SER A 190 12.17 10.15 21.84
CA SER A 190 11.43 10.40 20.60
C SER A 190 9.94 10.35 20.85
N LYS A 191 9.52 9.34 21.64
CA LYS A 191 8.10 9.15 21.97
C LYS A 191 7.52 10.37 22.71
N GLU A 192 8.28 10.87 23.68
CA GLU A 192 7.87 12.06 24.50
C GLU A 192 7.67 13.25 23.56
N TYR A 193 8.70 13.47 22.74
CA TYR A 193 8.67 14.60 21.79
C TYR A 193 7.52 14.46 20.74
N ALA A 194 7.36 13.27 20.18
CA ALA A 194 6.27 13.02 19.17
C ALA A 194 4.87 13.30 19.75
N ALA A 195 4.70 12.95 21.02
CA ALA A 195 3.45 13.19 21.77
C ALA A 195 3.27 14.71 21.87
N LYS A 196 4.33 15.39 22.25
CA LYS A 196 4.35 16.85 22.42
C LYS A 196 3.90 17.56 21.13
N VAL A 197 4.34 17.08 19.96
CA VAL A 197 4.02 17.72 18.70
C VAL A 197 2.79 17.08 18.02
N ASN A 198 2.06 16.25 18.78
CA ASN A 198 0.83 15.62 18.31
C ASN A 198 1.01 14.77 17.03
N HIS A 199 2.09 14.01 16.97
CA HIS A 199 2.30 13.12 15.84
C HIS A 199 3.05 11.88 16.32
N PRO A 200 2.34 10.97 17.00
CA PRO A 200 3.06 9.79 17.51
C PRO A 200 3.78 9.03 16.42
N ILE A 201 4.90 8.44 16.80
CA ILE A 201 5.62 7.54 15.91
C ILE A 201 5.92 6.20 16.62
N LYS A 202 6.20 5.19 15.80
CA LYS A 202 6.73 3.94 16.30
C LYS A 202 8.15 3.71 15.80
N TYR A 203 8.91 2.95 16.61
CA TYR A 203 10.19 2.43 16.21
C TYR A 203 10.14 0.90 16.09
N SER A 204 10.75 0.39 15.04
CA SER A 204 11.06 -1.03 14.87
C SER A 204 12.58 -1.15 14.94
N TRP A 205 13.06 -2.18 15.58
CA TRP A 205 14.46 -2.30 15.94
C TRP A 205 14.98 -3.65 15.49
N TYR A 206 16.06 -3.62 14.74
CA TYR A 206 16.73 -4.83 14.27
CA TYR A 206 16.71 -4.83 14.28
C TYR A 206 17.59 -5.46 15.37
N ASP A 207 17.48 -6.79 15.48
CA ASP A 207 18.32 -7.65 16.38
C ASP A 207 19.80 -7.58 15.88
N ALA A 208 20.53 -6.57 16.34
CA ALA A 208 21.91 -6.29 15.83
C ALA A 208 22.72 -5.73 17.01
N MET A 209 22.60 -4.44 17.28
CA MET A 209 23.38 -3.85 18.37
C MET A 209 22.86 -4.35 19.71
N THR A 210 23.72 -5.00 20.49
CA THR A 210 23.38 -5.39 21.86
C THR A 210 23.49 -4.18 22.82
N TYR A 211 23.01 -4.36 24.04
CA TYR A 211 22.98 -3.22 24.99
C TYR A 211 24.41 -2.79 25.34
N ASN A 212 25.29 -3.81 25.56
CA ASN A 212 26.65 -3.56 26.06
C ASN A 212 27.84 -4.08 25.23
N TYR A 213 27.57 -4.92 24.24
CA TYR A 213 28.63 -5.67 23.56
C TYR A 213 28.75 -5.46 22.05
N GLY A 214 28.18 -4.38 21.55
CA GLY A 214 28.17 -4.09 20.12
C GLY A 214 27.33 -5.08 19.32
N ARG A 215 27.67 -5.24 18.04
CA ARG A 215 26.83 -6.03 17.16
C ARG A 215 26.94 -7.52 17.51
N TYR A 216 25.78 -8.15 17.76
CA TYR A 216 25.71 -9.62 17.96
C TYR A 216 24.22 -9.98 17.79
N HIS A 217 23.92 -10.72 16.72
CA HIS A 217 22.55 -11.21 16.45
C HIS A 217 22.26 -12.37 17.37
N GLN A 218 21.19 -12.23 18.17
CA GLN A 218 20.69 -13.36 18.97
C GLN A 218 19.76 -14.29 18.18
N ASP A 219 19.32 -13.86 16.98
CA ASP A 219 18.18 -14.52 16.30
C ASP A 219 16.93 -14.62 17.18
N GLY A 220 16.67 -13.53 17.89
CA GLY A 220 15.60 -13.53 18.87
C GLY A 220 15.83 -12.43 19.92
N LEU A 221 14.89 -12.39 20.85
CA LEU A 221 14.99 -11.48 21.99
C LEU A 221 15.60 -12.27 23.12
N GLY A 222 16.64 -11.71 23.73
CA GLY A 222 17.37 -12.43 24.76
C GLY A 222 18.12 -11.56 25.75
N GLU A 223 19.09 -12.22 26.42
CA GLU A 223 19.71 -11.67 27.60
C GLU A 223 20.58 -10.43 27.28
N TYR A 224 20.97 -10.28 26.00
CA TYR A 224 21.89 -9.22 25.58
C TYR A 224 21.22 -8.05 24.86
N ASN A 225 19.94 -8.20 24.51
CA ASN A 225 19.24 -7.11 23.77
C ASN A 225 17.85 -6.74 24.34
N TYR A 226 17.41 -7.38 25.47
CA TYR A 226 16.06 -7.16 25.99
C TYR A 226 15.81 -5.68 26.38
N GLN A 227 16.87 -4.96 26.76
CA GLN A 227 16.71 -3.59 27.17
C GLN A 227 16.02 -2.72 26.12
N PHE A 228 16.24 -3.03 24.85
CA PHE A 228 15.61 -2.22 23.78
C PHE A 228 14.08 -2.37 23.69
N MET A 229 13.55 -3.46 24.26
CA MET A 229 12.09 -3.69 24.36
C MET A 229 11.52 -3.44 25.77
N GLN A 230 12.42 -3.26 26.74
CA GLN A 230 12.01 -3.11 28.13
C GLN A 230 11.17 -1.83 28.31
N PRO A 231 9.93 -1.96 28.85
CA PRO A 231 9.07 -0.79 28.97
C PRO A 231 9.48 0.19 30.07
N GLU A 232 9.01 1.41 29.93
CA GLU A 232 9.04 2.36 31.04
C GLU A 232 7.58 2.65 31.33
N GLY A 233 7.05 1.77 32.19
CA GLY A 233 5.64 1.57 32.43
C GLY A 233 4.90 1.46 31.11
N ASP A 234 4.33 2.60 30.78
CA ASP A 234 3.49 2.88 29.66
C ASP A 234 4.23 2.90 28.30
N LYS A 235 5.42 3.49 28.33
CA LYS A 235 6.17 3.82 27.14
C LYS A 235 7.12 2.67 26.85
N VAL A 236 7.52 2.55 25.59
CA VAL A 236 8.55 1.57 25.21
C VAL A 236 9.60 2.24 24.31
N PRO A 237 10.83 1.67 24.27
CA PRO A 237 11.80 2.21 23.30
C PRO A 237 11.44 1.71 21.89
N ALA A 238 11.78 0.44 21.61
CA ALA A 238 11.30 -0.24 20.41
C ALA A 238 9.89 -0.74 20.58
N ASP A 239 9.02 -0.37 19.66
CA ASP A 239 7.69 -0.96 19.54
C ASP A 239 7.70 -2.41 18.96
N ASN A 240 8.43 -2.57 17.85
CA ASN A 240 8.58 -3.84 17.18
C ASN A 240 10.05 -4.20 17.18
N PHE A 241 10.30 -5.50 17.23
CA PHE A 241 11.66 -6.08 17.25
C PHE A 241 11.71 -7.05 16.07
N PHE A 242 12.75 -6.91 15.25
CA PHE A 242 12.95 -7.76 14.08
C PHE A 242 14.11 -8.74 14.40
N ALA A 243 13.74 -9.99 14.69
CA ALA A 243 14.71 -11.03 15.00
C ALA A 243 15.48 -11.46 13.77
N ASN A 244 16.79 -11.61 13.91
CA ASN A 244 17.65 -12.12 12.84
C ASN A 244 17.22 -13.53 12.34
N PHE A 245 17.68 -13.88 11.13
CA PHE A 245 17.11 -14.96 10.35
C PHE A 245 17.35 -16.37 10.89
N ASN A 246 18.38 -16.54 11.72
CA ASN A 246 18.78 -17.90 12.16
C ASN A 246 18.10 -18.36 13.44
N TRP A 247 16.84 -18.00 13.58
CA TRP A 247 16.04 -18.53 14.68
C TRP A 247 15.72 -20.05 14.51
N ASP A 248 15.31 -20.62 15.63
CA ASP A 248 14.91 -22.02 15.71
C ASP A 248 14.00 -22.23 16.91
N LYS A 249 13.64 -23.49 17.19
CA LYS A 249 12.71 -23.73 18.28
C LYS A 249 13.18 -23.17 19.62
N ALA A 250 14.41 -23.49 19.99
CA ALA A 250 14.95 -23.08 21.26
C ALA A 250 15.00 -21.51 21.34
N LYS A 251 15.51 -20.89 20.29
CA LYS A 251 15.64 -19.39 20.24
C LYS A 251 14.25 -18.74 20.38
N ASN A 252 13.29 -19.31 19.64
CA ASN A 252 11.90 -18.84 19.72
C ASN A 252 11.30 -19.00 21.13
N ASP A 253 11.55 -20.15 21.75
CA ASP A 253 11.10 -20.40 23.10
C ASP A 253 11.67 -19.30 24.04
N TYR A 254 12.96 -19.02 23.85
CA TYR A 254 13.69 -18.02 24.67
C TYR A 254 13.13 -16.52 24.59
N THR A 255 12.86 -16.27 23.28
CA THR A 255 12.27 -15.00 22.87
C THR A 255 10.94 -14.79 23.57
N ILE A 256 10.07 -15.80 23.52
CA ILE A 256 8.78 -15.72 24.17
C ILE A 256 8.93 -15.56 25.67
N ALA A 257 9.82 -16.36 26.29
CA ALA A 257 10.09 -16.28 27.72
C ALA A 257 10.57 -14.87 28.10
N THR A 258 11.46 -14.35 27.29
CA THR A 258 12.07 -13.04 27.56
C THR A 258 11.02 -11.93 27.42
N ALA A 259 10.26 -11.95 26.31
CA ALA A 259 9.19 -10.93 26.14
C ALA A 259 8.19 -10.94 27.33
N ASN A 260 7.64 -12.12 27.63
CA ASN A 260 6.74 -12.26 28.76
C ASN A 260 7.34 -11.73 30.06
N TRP A 261 8.60 -12.05 30.29
CA TRP A 261 9.18 -11.67 31.57
C TRP A 261 9.29 -10.14 31.74
N ILE A 262 9.69 -9.44 30.65
CA ILE A 262 9.87 -7.99 30.71
C ILE A 262 8.53 -7.22 30.51
N GLY A 263 7.45 -7.96 30.26
CA GLY A 263 6.14 -7.39 30.11
C GLY A 263 5.83 -6.84 28.73
N ARG A 264 6.30 -7.55 27.71
CA ARG A 264 5.99 -7.25 26.31
C ARG A 264 5.25 -8.40 25.64
N ASN A 265 4.42 -8.06 24.67
CA ASN A 265 3.76 -9.06 23.86
C ASN A 265 4.75 -9.76 22.93
N PRO A 266 4.85 -11.10 23.04
CA PRO A 266 5.71 -11.86 22.13
C PRO A 266 5.50 -11.56 20.64
N TYR A 267 4.26 -11.24 20.27
CA TYR A 267 3.94 -10.91 18.89
C TYR A 267 4.46 -9.55 18.41
N ASP A 268 5.07 -8.77 19.32
CA ASP A 268 5.85 -7.59 18.90
C ASP A 268 7.24 -7.97 18.39
N VAL A 269 7.58 -9.28 18.48
CA VAL A 269 8.77 -9.82 17.91
C VAL A 269 8.45 -10.48 16.56
N PHE A 270 9.14 -9.96 15.55
CA PHE A 270 8.94 -10.39 14.17
C PHE A 270 10.13 -11.22 13.73
N ALA A 271 9.88 -12.51 13.57
CA ALA A 271 10.89 -13.51 13.17
C ALA A 271 11.27 -13.27 11.66
N GLY A 272 12.54 -12.94 11.39
CA GLY A 272 12.98 -12.59 10.06
C GLY A 272 12.96 -13.76 9.09
N LEU A 273 12.46 -13.48 7.88
CA LEU A 273 12.58 -14.35 6.71
C LEU A 273 13.46 -13.63 5.65
N GLU A 274 14.55 -14.29 5.23
CA GLU A 274 15.53 -13.70 4.29
C GLU A 274 15.10 -14.06 2.88
N LEU A 275 14.26 -13.19 2.31
CA LEU A 275 13.60 -13.52 1.04
C LEU A 275 14.44 -13.14 -0.18
N GLN A 276 15.55 -12.44 0.03
CA GLN A 276 16.37 -12.00 -1.10
C GLN A 276 17.26 -13.17 -1.52
N GLN A 277 18.07 -13.66 -0.58
CA GLN A 277 18.85 -14.85 -0.87
C GLN A 277 17.95 -16.08 -1.04
N GLY A 278 16.82 -16.09 -0.33
CA GLY A 278 15.91 -17.23 -0.38
C GLY A 278 15.03 -17.32 -1.60
N GLY A 279 14.80 -16.21 -2.30
CA GLY A 279 13.93 -16.19 -3.50
C GLY A 279 12.43 -16.12 -3.20
N SER A 280 12.03 -15.14 -2.40
CA SER A 280 10.60 -14.87 -2.16
C SER A 280 9.93 -16.13 -1.60
N TYR A 281 8.83 -16.60 -2.20
CA TYR A 281 8.15 -17.78 -1.67
C TYR A 281 8.89 -19.12 -1.84
N LYS A 282 10.08 -19.08 -2.49
CA LYS A 282 10.97 -20.26 -2.56
C LYS A 282 11.94 -20.35 -1.36
N THR A 283 11.86 -19.35 -0.48
CA THR A 283 12.71 -19.28 0.70
C THR A 283 12.43 -20.45 1.66
N LYS A 284 13.49 -21.13 2.08
CA LYS A 284 13.38 -22.20 3.04
C LYS A 284 13.11 -21.53 4.40
N VAL A 285 11.97 -21.84 5.01
CA VAL A 285 11.63 -21.38 6.38
C VAL A 285 11.47 -22.59 7.29
N LYS A 286 11.95 -22.46 8.54
CA LYS A 286 11.76 -23.49 9.54
C LYS A 286 10.38 -23.38 10.16
N TRP A 287 9.36 -23.63 9.33
CA TRP A 287 7.98 -23.45 9.78
C TRP A 287 7.67 -24.21 11.08
N ASN A 288 8.20 -25.43 11.21
CA ASN A 288 7.97 -26.27 12.42
C ASN A 288 8.48 -25.65 13.74
N ASP A 289 9.42 -24.72 13.61
CA ASP A 289 9.98 -23.99 14.77
C ASP A 289 9.18 -22.76 15.21
N ILE A 290 8.24 -22.33 14.39
CA ILE A 290 7.46 -21.12 14.70
C ILE A 290 5.95 -21.36 14.73
N LEU A 291 5.51 -22.57 14.32
CA LEU A 291 4.15 -23.01 14.43
C LEU A 291 4.00 -23.88 15.67
N ASP A 292 2.90 -23.69 16.40
CA ASP A 292 2.65 -24.42 17.65
C ASP A 292 1.93 -25.74 17.29
N GLU A 293 1.43 -26.45 18.29
CA GLU A 293 0.91 -27.81 18.10
C GLU A 293 -0.29 -27.84 17.14
N ASN A 294 -0.96 -26.68 17.03
CA ASN A 294 -2.18 -26.49 16.24
C ASN A 294 -1.92 -25.94 14.84
N GLY A 295 -0.63 -25.76 14.55
CA GLY A 295 -0.21 -25.25 13.26
C GLY A 295 -0.39 -23.73 13.20
N LYS A 296 -0.42 -23.07 14.36
CA LYS A 296 -0.56 -21.58 14.40
C LYS A 296 0.72 -20.86 14.82
N LEU A 297 0.95 -19.69 14.24
CA LEU A 297 2.15 -18.91 14.51
C LEU A 297 2.28 -18.57 16.01
N ARG A 298 3.48 -18.75 16.55
CA ARG A 298 3.75 -18.29 17.92
C ARG A 298 4.58 -17.01 18.04
N LEU A 299 5.04 -16.50 16.90
CA LEU A 299 5.59 -15.18 16.82
C LEU A 299 5.10 -14.47 15.55
N SER A 300 5.42 -13.18 15.41
CA SER A 300 5.14 -12.50 14.17
C SER A 300 6.18 -12.78 13.06
N LEU A 301 5.93 -12.26 11.82
CA LEU A 301 6.78 -12.51 10.67
C LEU A 301 7.36 -11.22 10.09
N GLY A 302 8.68 -11.17 10.00
CA GLY A 302 9.40 -10.06 9.39
C GLY A 302 9.88 -10.45 8.01
N LEU A 303 9.33 -9.80 7.02
CA LEU A 303 9.65 -10.11 5.62
C LEU A 303 10.82 -9.23 5.13
N PHE A 304 12.02 -9.83 5.06
CA PHE A 304 13.14 -9.11 4.53
C PHE A 304 13.21 -9.17 2.98
N ALA A 305 13.03 -7.98 2.34
CA ALA A 305 13.21 -7.77 0.89
C ALA A 305 12.22 -8.59 0.09
N PRO A 306 10.91 -8.50 0.49
CA PRO A 306 9.90 -9.23 -0.34
C PRO A 306 9.77 -8.59 -1.77
N ASP A 307 10.28 -7.35 -1.95
CA ASP A 307 10.27 -6.72 -3.31
C ASP A 307 11.05 -7.60 -4.33
N THR A 308 11.88 -8.51 -3.80
CA THR A 308 12.65 -9.48 -4.59
CA THR A 308 12.66 -9.46 -4.61
C THR A 308 11.77 -10.21 -5.60
N ILE A 309 10.51 -10.45 -5.19
CA ILE A 309 9.49 -11.13 -6.01
C ILE A 309 9.34 -10.59 -7.47
N THR A 310 9.59 -9.29 -7.66
CA THR A 310 9.60 -8.68 -9.00
C THR A 310 10.65 -9.38 -9.95
N SER A 311 11.72 -9.91 -9.37
CA SER A 311 12.71 -10.67 -10.17
C SER A 311 12.18 -12.02 -10.67
N LEU A 312 11.14 -12.56 -10.01
CA LEU A 312 10.61 -13.90 -10.35
C LEU A 312 9.76 -13.96 -11.62
N GLY A 313 9.30 -12.81 -12.12
CA GLY A 313 8.56 -12.74 -13.38
C GLY A 313 9.14 -11.70 -14.31
N LYS A 314 8.69 -11.69 -15.56
CA LYS A 314 9.20 -10.75 -16.56
C LYS A 314 8.25 -9.58 -16.72
N THR A 315 6.97 -9.80 -16.37
CA THR A 315 5.96 -8.75 -16.62
C THR A 315 5.35 -8.20 -15.33
N GLY A 316 4.72 -7.05 -15.45
CA GLY A 316 3.90 -6.50 -14.33
C GLY A 316 2.70 -7.37 -13.98
N GLU A 317 2.13 -8.06 -14.98
CA GLU A 317 1.06 -9.03 -14.69
C GLU A 317 1.62 -10.17 -13.79
N ASP A 318 2.83 -10.61 -14.14
CA ASP A 318 3.51 -11.65 -13.30
C ASP A 318 3.76 -11.20 -11.85
N TYR A 319 4.08 -9.91 -11.63
CA TYR A 319 4.27 -9.40 -10.26
C TYR A 319 3.06 -9.79 -9.38
N HIS A 320 1.85 -9.47 -9.82
CA HIS A 320 0.66 -9.73 -8.98
C HIS A 320 0.43 -11.24 -8.77
N LYS A 321 0.64 -12.01 -9.83
CA LYS A 321 0.44 -13.49 -9.72
C LYS A 321 1.44 -14.11 -8.74
N ASN A 322 2.66 -13.58 -8.74
CA ASN A 322 3.68 -14.06 -7.80
C ASN A 322 3.34 -13.64 -6.35
N GLU A 323 2.87 -12.39 -6.20
CA GLU A 323 2.40 -11.93 -4.88
C GLU A 323 1.26 -12.82 -4.37
N ASP A 324 0.39 -13.28 -5.26
CA ASP A 324 -0.70 -14.21 -4.86
C ASP A 324 -0.14 -15.47 -4.18
N ILE A 325 0.89 -16.04 -4.79
CA ILE A 325 1.52 -17.24 -4.23
C ILE A 325 2.06 -16.91 -2.82
N PHE A 326 2.69 -15.75 -2.69
CA PHE A 326 3.32 -15.37 -1.43
C PHE A 326 2.26 -15.12 -0.36
N PHE A 327 1.32 -14.24 -0.66
CA PHE A 327 0.39 -13.77 0.36
C PHE A 327 -0.85 -14.66 0.56
N THR A 328 -1.32 -15.28 -0.50
CA THR A 328 -2.46 -16.14 -0.35
C THR A 328 -2.03 -17.62 -0.18
N GLY A 329 -1.05 -18.08 -0.97
CA GLY A 329 -0.55 -19.45 -0.93
C GLY A 329 -0.77 -20.17 -2.25
N TYR A 330 -0.07 -21.29 -2.41
CA TYR A 330 -0.16 -22.06 -3.64
C TYR A 330 -1.59 -22.57 -3.90
N GLN A 331 -2.39 -22.77 -2.86
CA GLN A 331 -3.74 -23.36 -2.97
C GLN A 331 -4.74 -22.31 -3.59
N GLY A 332 -4.31 -21.03 -3.67
CA GLY A 332 -5.02 -20.01 -4.44
C GLY A 332 -6.28 -19.45 -3.83
N ASP A 333 -6.52 -19.80 -2.59
CA ASP A 333 -7.77 -19.41 -1.89
C ASP A 333 -7.37 -19.23 -0.44
N PRO A 334 -7.59 -18.02 0.15
CA PRO A 334 -7.14 -17.77 1.54
C PRO A 334 -7.86 -18.60 2.62
N THR A 335 -8.94 -19.28 2.24
CA THR A 335 -9.66 -20.20 3.13
C THR A 335 -9.07 -21.61 3.14
N GLY A 336 -8.15 -21.88 2.22
CA GLY A 336 -7.59 -23.23 2.02
C GLY A 336 -6.25 -23.44 2.71
N GLN A 337 -5.84 -24.71 2.80
CA GLN A 337 -4.57 -25.09 3.41
C GLN A 337 -3.46 -25.27 2.39
N LYS A 338 -2.23 -25.07 2.86
CA LYS A 338 -1.05 -25.33 2.09
C LYS A 338 -1.18 -26.71 1.38
N PRO A 339 -0.92 -26.76 0.05
CA PRO A 339 -0.92 -28.07 -0.63
C PRO A 339 0.09 -29.05 -0.03
N GLY A 340 -0.25 -30.34 -0.09
CA GLY A 340 0.65 -31.37 0.43
C GLY A 340 2.02 -31.45 -0.23
N ASP A 341 2.15 -30.93 -1.45
CA ASP A 341 3.42 -30.97 -2.19
C ASP A 341 4.21 -29.65 -2.18
N LYS A 342 3.83 -28.73 -1.29
CA LYS A 342 4.56 -27.48 -1.14
C LYS A 342 5.06 -27.31 0.29
N ASP A 343 6.12 -26.50 0.43
CA ASP A 343 6.67 -26.13 1.76
C ASP A 343 6.20 -24.75 2.26
N TRP A 344 6.00 -23.83 1.31
CA TRP A 344 5.59 -22.47 1.61
C TRP A 344 4.14 -22.42 2.09
N TYR A 345 3.93 -21.69 3.20
CA TYR A 345 2.61 -21.33 3.65
C TYR A 345 2.33 -19.91 3.12
N GLY A 346 1.23 -19.74 2.39
CA GLY A 346 0.76 -18.39 2.11
C GLY A 346 0.52 -17.60 3.41
N ILE A 347 0.82 -16.30 3.39
CA ILE A 347 0.56 -15.48 4.57
C ILE A 347 -0.89 -15.62 5.09
N ALA A 348 -1.85 -15.60 4.18
CA ALA A 348 -3.25 -15.75 4.49
C ALA A 348 -3.56 -17.08 5.24
N ASN A 349 -2.74 -18.09 5.01
CA ASN A 349 -2.91 -19.36 5.71
C ASN A 349 -2.69 -19.19 7.24
N LEU A 350 -1.89 -18.17 7.60
CA LEU A 350 -1.35 -18.03 8.95
C LEU A 350 -1.73 -16.70 9.64
N VAL A 351 -2.20 -15.72 8.88
CA VAL A 351 -2.42 -14.38 9.40
C VAL A 351 -3.81 -13.84 8.95
N ALA A 352 -4.56 -13.35 9.94
CA ALA A 352 -5.92 -12.81 9.71
C ALA A 352 -5.85 -11.57 8.79
N ASP A 353 -6.82 -11.41 7.89
CA ASP A 353 -6.94 -10.17 7.08
C ASP A 353 -7.60 -8.99 7.88
N ARG A 354 -7.34 -7.77 7.42
CA ARG A 354 -8.01 -6.58 7.89
C ARG A 354 -8.54 -5.82 6.70
N THR A 355 -9.38 -4.83 6.98
CA THR A 355 -10.05 -4.09 5.91
C THR A 355 -10.26 -2.64 6.26
N PRO A 356 -9.94 -1.72 5.30
CA PRO A 356 -10.18 -0.30 5.49
C PRO A 356 -11.59 0.10 5.00
N ALA A 357 -12.35 -0.88 4.53
CA ALA A 357 -13.69 -0.66 3.94
C ALA A 357 -14.72 -0.52 5.05
N VAL A 358 -14.66 0.62 5.77
CA VAL A 358 -15.49 0.84 6.99
C VAL A 358 -16.09 2.25 6.94
N GLY A 359 -17.31 2.37 7.44
CA GLY A 359 -18.00 3.68 7.51
C GLY A 359 -19.21 3.65 6.64
N ASN A 360 -19.59 4.81 6.06
CA ASN A 360 -20.79 4.87 5.23
C ASN A 360 -20.47 4.88 3.71
N THR A 361 -19.16 4.99 3.38
CA THR A 361 -18.74 5.05 2.00
C THR A 361 -17.50 4.19 1.74
N PHE A 362 -17.56 3.41 0.65
CA PHE A 362 -16.42 2.63 0.14
C PHE A 362 -16.49 2.65 -1.37
N THR A 363 -15.35 2.88 -2.00
CA THR A 363 -15.26 2.82 -3.44
C THR A 363 -13.93 2.20 -3.91
N THR A 364 -14.01 1.52 -5.03
CA THR A 364 -12.81 1.04 -5.68
C THR A 364 -13.06 0.79 -7.17
N SER A 365 -12.00 1.06 -7.93
CA SER A 365 -11.94 0.64 -9.36
C SER A 365 -10.76 -0.30 -9.58
N PHE A 366 -10.26 -0.89 -8.48
CA PHE A 366 -9.19 -1.91 -8.50
C PHE A 366 -7.88 -1.29 -8.99
N ASN A 367 -7.70 -0.01 -8.71
CA ASN A 367 -6.48 0.69 -9.14
C ASN A 367 -5.30 0.15 -8.31
N THR A 368 -4.38 -0.55 -8.98
CA THR A 368 -3.21 -1.14 -8.32
C THR A 368 -2.01 -0.17 -8.33
N GLY A 369 -2.21 1.07 -8.79
CA GLY A 369 -1.13 2.05 -8.82
C GLY A 369 -0.17 2.01 -10.02
N HIS A 370 -0.49 1.15 -10.97
CA HIS A 370 0.21 1.10 -12.23
C HIS A 370 -0.71 0.54 -13.31
N GLY A 371 -0.33 0.76 -14.57
CA GLY A 371 -1.04 0.18 -15.69
C GLY A 371 -0.27 0.32 -16.99
N LYS A 372 -0.76 -0.36 -18.00
CA LYS A 372 -0.31 -0.25 -19.37
C LYS A 372 -0.98 0.98 -20.05
N LYS A 373 -2.19 1.27 -19.58
CA LYS A 373 -2.97 2.43 -20.03
C LYS A 373 -3.76 2.95 -18.80
N TRP A 374 -4.37 4.11 -18.94
CA TRP A 374 -5.29 4.58 -17.90
C TRP A 374 -6.64 4.80 -18.58
N PHE A 375 -7.64 4.07 -18.09
CA PHE A 375 -9.04 4.12 -18.52
C PHE A 375 -9.86 5.11 -17.72
N VAL A 376 -10.73 5.82 -18.44
CA VAL A 376 -11.68 6.72 -17.87
C VAL A 376 -13.11 6.33 -18.32
N ASP A 377 -13.92 5.87 -17.37
CA ASP A 377 -15.27 5.29 -17.65
C ASP A 377 -15.24 4.34 -18.87
N GLY A 378 -14.25 3.44 -18.85
CA GLY A 378 -14.12 2.35 -19.80
C GLY A 378 -13.51 2.73 -21.13
N LYS A 379 -13.04 3.98 -21.27
CA LYS A 379 -12.36 4.42 -22.52
C LYS A 379 -10.88 4.72 -22.23
N VAL A 380 -9.99 4.32 -23.14
CA VAL A 380 -8.57 4.66 -22.96
C VAL A 380 -8.47 6.20 -22.97
N SER A 381 -7.79 6.74 -21.98
CA SER A 381 -7.50 8.17 -21.87
C SER A 381 -5.99 8.41 -21.96
N LYS A 382 -5.22 7.75 -21.06
CA LYS A 382 -3.76 7.68 -21.19
C LYS A 382 -3.46 6.38 -21.93
N ASP A 383 -2.87 6.52 -23.12
CA ASP A 383 -2.63 5.39 -23.99
C ASP A 383 -1.26 4.79 -23.80
N SER A 384 -0.67 4.97 -22.62
CA SER A 384 0.71 4.50 -22.39
C SER A 384 0.93 4.21 -20.90
N GLU A 385 2.03 3.55 -20.63
CA GLU A 385 2.28 2.92 -19.31
C GLU A 385 2.55 3.93 -18.22
N TRP A 386 2.29 3.51 -16.99
CA TRP A 386 2.45 4.40 -15.82
C TRP A 386 2.55 3.61 -14.53
N ASN A 387 3.25 4.22 -13.57
CA ASN A 387 3.10 3.79 -12.14
C ASN A 387 3.09 5.08 -11.32
N TYR A 388 1.99 5.31 -10.58
CA TYR A 388 1.80 6.49 -9.73
C TYR A 388 1.02 5.93 -8.54
N ARG A 389 1.77 5.32 -7.63
CA ARG A 389 1.15 4.56 -6.57
C ARG A 389 0.37 5.39 -5.53
N SER A 390 0.53 6.72 -5.61
CA SER A 390 -0.27 7.60 -4.76
C SER A 390 -1.79 7.31 -4.94
N VAL A 391 -2.20 6.90 -6.16
CA VAL A 391 -3.62 6.62 -6.48
C VAL A 391 -4.05 5.16 -6.20
N SER A 392 -3.13 4.38 -5.62
CA SER A 392 -3.40 2.94 -5.38
C SER A 392 -4.68 2.85 -4.55
N GLY A 393 -5.61 1.99 -4.94
CA GLY A 393 -6.87 1.83 -4.21
C GLY A 393 -6.94 0.61 -3.31
N VAL A 394 -8.16 0.14 -3.06
CA VAL A 394 -8.37 -0.99 -2.16
C VAL A 394 -8.77 -2.21 -3.00
N LEU A 395 -7.83 -3.14 -3.09
CA LEU A 395 -8.02 -4.37 -3.87
C LEU A 395 -8.76 -5.45 -3.01
N PRO A 396 -9.26 -6.52 -3.64
CA PRO A 396 -10.00 -7.52 -2.83
C PRO A 396 -9.25 -8.05 -1.61
N THR A 397 -10.00 -8.15 -0.53
CA THR A 397 -9.54 -8.79 0.68
C THR A 397 -9.03 -10.21 0.43
N TRP A 398 -9.77 -10.93 -0.44
CA TRP A 398 -9.55 -12.34 -0.66
C TRP A 398 -9.29 -12.59 -2.15
N ARG A 399 -8.19 -13.29 -2.44
CA ARG A 399 -7.75 -13.54 -3.79
C ARG A 399 -7.28 -14.99 -3.87
N TRP A 400 -8.21 -15.94 -3.98
CA TRP A 400 -9.61 -15.74 -4.35
C TRP A 400 -10.42 -16.83 -3.66
N TRP A 401 -11.43 -16.38 -2.91
CA TRP A 401 -12.28 -17.24 -2.09
C TRP A 401 -13.49 -17.62 -2.98
N GLN A 402 -13.43 -18.83 -3.52
CA GLN A 402 -14.41 -19.33 -4.50
C GLN A 402 -15.06 -20.63 -4.07
N THR A 403 -16.36 -20.73 -4.38
CA THR A 403 -17.09 -21.97 -4.21
C THR A 403 -17.90 -22.18 -5.49
N SER A 404 -18.14 -23.44 -5.80
CA SER A 404 -18.84 -23.79 -7.03
C SER A 404 -19.53 -25.12 -6.89
N THR A 405 -20.62 -25.24 -7.63
CA THR A 405 -21.28 -26.56 -7.81
C THR A 405 -20.50 -27.49 -8.72
N GLY A 406 -19.57 -26.92 -9.49
CA GLY A 406 -18.74 -27.61 -10.42
C GLY A 406 -17.37 -26.96 -10.48
N GLU A 407 -16.96 -26.63 -11.69
CA GLU A 407 -15.67 -26.00 -11.89
C GLU A 407 -15.66 -24.50 -11.53
N LYS A 408 -14.48 -23.97 -11.26
CA LYS A 408 -14.36 -22.56 -10.91
C LYS A 408 -13.72 -21.69 -11.99
N LEU A 409 -14.34 -20.54 -12.26
CA LEU A 409 -13.76 -19.54 -13.15
C LEU A 409 -12.41 -19.09 -12.63
N ARG A 410 -11.55 -18.68 -13.56
CA ARG A 410 -10.25 -18.13 -13.19
C ARG A 410 -10.42 -16.63 -12.97
N ALA A 411 -10.00 -16.15 -11.81
CA ALA A 411 -10.07 -14.74 -11.43
C ALA A 411 -8.67 -14.14 -11.66
N GLU A 412 -8.56 -13.02 -12.33
CA GLU A 412 -7.29 -12.34 -12.46
C GLU A 412 -7.50 -10.82 -12.67
N TYR A 413 -6.47 -10.04 -12.43
CA TYR A 413 -6.50 -8.65 -12.87
C TYR A 413 -6.46 -8.59 -14.40
N ASP A 414 -7.11 -7.56 -14.97
CA ASP A 414 -7.15 -7.37 -16.41
C ASP A 414 -6.55 -6.00 -16.70
N PHE A 415 -5.30 -5.98 -17.16
CA PHE A 415 -4.64 -4.75 -17.63
C PHE A 415 -4.94 -4.35 -19.10
N THR A 416 -5.75 -5.15 -19.79
CA THR A 416 -6.16 -4.89 -21.18
C THR A 416 -7.44 -4.06 -21.32
N ASP A 417 -8.24 -4.08 -20.27
CA ASP A 417 -9.52 -3.40 -20.26
C ASP A 417 -9.86 -3.07 -18.80
N ALA A 418 -10.26 -1.83 -18.59
CA ALA A 418 -10.59 -1.33 -17.23
C ALA A 418 -11.69 -0.30 -17.34
N TYR A 419 -12.33 -0.04 -16.19
CA TYR A 419 -13.31 1.05 -16.11
C TYR A 419 -12.68 2.39 -15.71
N ASN A 420 -11.95 2.39 -14.59
CA ASN A 420 -11.19 3.56 -14.21
C ASN A 420 -9.84 3.11 -13.68
N GLY A 421 -8.79 3.70 -14.22
CA GLY A 421 -7.44 3.41 -13.81
C GLY A 421 -6.83 2.36 -14.72
N GLY A 422 -5.90 1.58 -14.20
CA GLY A 422 -5.15 0.65 -15.06
C GLY A 422 -5.66 -0.76 -15.22
N ASN A 423 -6.56 -1.23 -14.35
CA ASN A 423 -7.05 -2.60 -14.49
C ASN A 423 -8.45 -2.83 -13.88
N SER A 424 -9.12 -3.83 -14.40
CA SER A 424 -10.36 -4.31 -13.79
C SER A 424 -10.05 -5.74 -13.24
N LEU A 425 -11.10 -6.42 -12.77
CA LEU A 425 -11.06 -7.85 -12.40
C LEU A 425 -11.77 -8.61 -13.51
N LYS A 426 -11.15 -9.68 -13.98
CA LYS A 426 -11.73 -10.53 -15.01
C LYS A 426 -11.98 -11.91 -14.41
N PHE A 427 -13.08 -12.53 -14.79
CA PHE A 427 -13.46 -13.86 -14.36
C PHE A 427 -13.79 -14.62 -15.63
N SER A 428 -13.03 -15.66 -15.91
CA SER A 428 -13.10 -16.27 -17.24
C SER A 428 -12.86 -17.76 -17.22
N GLY A 429 -13.27 -18.43 -18.30
CA GLY A 429 -12.99 -19.84 -18.44
C GLY A 429 -13.99 -20.51 -19.36
N ASP A 430 -13.68 -21.76 -19.70
CA ASP A 430 -14.65 -22.57 -20.42
C ASP A 430 -15.57 -23.16 -19.39
N VAL A 431 -16.85 -22.87 -19.54
CA VAL A 431 -17.82 -23.41 -18.63
C VAL A 431 -18.39 -24.70 -19.23
N ALA A 432 -18.25 -25.82 -18.51
CA ALA A 432 -18.50 -27.14 -19.08
C ALA A 432 -19.99 -27.52 -19.13
N GLY A 433 -20.75 -26.92 -18.24
CA GLY A 433 -22.18 -27.20 -18.17
C GLY A 433 -22.80 -26.35 -17.07
N LYS A 434 -24.05 -26.67 -16.74
CA LYS A 434 -24.82 -25.93 -15.76
C LYS A 434 -24.01 -25.85 -14.46
N THR A 435 -23.80 -24.63 -14.00
CA THR A 435 -22.96 -24.36 -12.84
C THR A 435 -23.48 -23.10 -12.10
N ASP A 436 -23.40 -23.14 -10.78
CA ASP A 436 -23.56 -21.96 -9.93
C ASP A 436 -22.25 -21.81 -9.14
N GLN A 437 -21.79 -20.59 -8.98
CA GLN A 437 -20.55 -20.35 -8.24
C GLN A 437 -20.44 -18.92 -7.78
N ASP A 438 -19.56 -18.70 -6.79
CA ASP A 438 -19.37 -17.34 -6.31
C ASP A 438 -17.90 -17.00 -6.08
N VAL A 439 -17.67 -15.72 -5.86
CA VAL A 439 -16.34 -15.19 -5.59
C VAL A 439 -16.55 -14.14 -4.50
N ARG A 440 -16.08 -14.46 -3.30
CA ARG A 440 -16.19 -13.54 -2.16
C ARG A 440 -15.01 -12.60 -2.18
N LEU A 441 -15.30 -11.30 -2.30
CA LEU A 441 -14.28 -10.30 -2.68
C LEU A 441 -13.72 -9.42 -1.54
N TYR A 442 -14.64 -8.81 -0.78
CA TYR A 442 -14.30 -7.86 0.25
C TYR A 442 -14.90 -8.21 1.59
N SER A 443 -14.07 -8.03 2.62
CA SER A 443 -14.53 -7.92 4.02
C SER A 443 -14.73 -6.42 4.23
N THR A 444 -15.81 -6.06 4.89
CA THR A 444 -16.23 -4.66 5.03
C THR A 444 -16.91 -4.46 6.41
N LYS A 445 -17.18 -3.20 6.75
CA LYS A 445 -18.15 -2.87 7.82
C LYS A 445 -18.79 -1.54 7.47
N LEU A 446 -19.83 -1.64 6.65
CA LEU A 446 -20.41 -0.46 6.03
C LEU A 446 -21.85 -0.30 6.51
N GLU A 447 -22.11 0.85 7.11
CA GLU A 447 -23.41 1.16 7.70
C GLU A 447 -24.33 1.67 6.60
N VAL A 448 -25.50 1.05 6.52
CA VAL A 448 -26.47 1.38 5.48
C VAL A 448 -27.56 2.31 6.05
N THR A 449 -27.90 3.33 5.29
CA THR A 449 -28.96 4.30 5.63
C THR A 449 -29.98 4.35 4.49
N GLU A 450 -31.01 5.19 4.66
CA GLU A 450 -32.03 5.33 3.60
C GLU A 450 -31.47 5.88 2.31
N LYS A 451 -30.30 6.54 2.38
CA LYS A 451 -29.65 7.21 1.25
C LYS A 451 -28.58 6.31 0.57
N THR A 452 -28.32 5.15 1.15
CA THR A 452 -27.24 4.28 0.62
C THR A 452 -27.61 3.67 -0.72
N LYS A 453 -26.66 3.79 -1.65
CA LYS A 453 -26.76 3.22 -3.00
C LYS A 453 -25.53 2.37 -3.29
N LEU A 454 -25.74 1.44 -4.22
CA LEU A 454 -24.69 0.63 -4.80
C LEU A 454 -24.47 1.06 -6.26
N ARG A 455 -23.22 1.30 -6.64
CA ARG A 455 -22.90 1.56 -8.04
C ARG A 455 -21.86 0.53 -8.44
N VAL A 456 -22.12 -0.12 -9.56
CA VAL A 456 -21.30 -1.23 -10.01
C VAL A 456 -21.08 -1.05 -11.51
N ALA A 457 -19.82 -0.96 -11.91
CA ALA A 457 -19.43 -0.87 -13.35
C ALA A 457 -18.90 -2.27 -13.72
N HIS A 458 -19.38 -2.79 -14.85
CA HIS A 458 -19.10 -4.14 -15.27
C HIS A 458 -19.27 -4.25 -16.79
N LYS A 459 -18.86 -5.37 -17.31
CA LYS A 459 -18.80 -5.63 -18.76
C LYS A 459 -18.79 -7.13 -19.03
N GLY A 460 -19.44 -7.54 -20.12
CA GLY A 460 -19.46 -8.93 -20.52
C GLY A 460 -20.43 -9.75 -19.69
N GLY A 461 -20.14 -11.05 -19.54
CA GLY A 461 -21.03 -12.03 -18.89
C GLY A 461 -21.99 -12.69 -19.84
N LYS A 462 -21.80 -12.50 -21.17
CA LYS A 462 -22.66 -13.19 -22.13
C LYS A 462 -22.70 -14.70 -21.78
N GLY A 463 -23.90 -15.27 -21.76
CA GLY A 463 -24.05 -16.69 -21.43
C GLY A 463 -24.26 -17.00 -19.97
N SER A 464 -24.55 -15.96 -19.18
CA SER A 464 -24.74 -16.13 -17.76
C SER A 464 -25.73 -15.12 -17.20
N LYS A 465 -26.08 -15.35 -15.94
CA LYS A 465 -26.63 -14.33 -15.04
C LYS A 465 -25.60 -14.08 -13.94
N VAL A 466 -25.38 -12.79 -13.67
CA VAL A 466 -24.45 -12.39 -12.65
C VAL A 466 -25.17 -11.46 -11.64
N TYR A 467 -24.82 -11.65 -10.36
CA TYR A 467 -25.43 -10.93 -9.24
C TYR A 467 -24.30 -10.45 -8.32
N MET A 468 -24.56 -9.34 -7.63
CA MET A 468 -23.71 -8.95 -6.51
CA MET A 468 -23.72 -8.90 -6.52
C MET A 468 -24.53 -9.12 -5.25
N ALA A 469 -23.93 -9.70 -4.25
CA ALA A 469 -24.62 -9.97 -3.00
C ALA A 469 -23.76 -9.47 -1.83
N PHE A 470 -24.44 -9.14 -0.75
CA PHE A 470 -23.84 -8.56 0.45
C PHE A 470 -24.23 -9.48 1.61
N SER A 471 -23.31 -9.62 2.55
CA SER A 471 -23.56 -10.28 3.84
C SER A 471 -23.85 -9.16 4.85
N THR A 472 -24.89 -9.36 5.66
CA THR A 472 -25.21 -8.39 6.71
C THR A 472 -24.92 -8.98 8.10
N THR A 473 -24.10 -10.03 8.13
CA THR A 473 -23.64 -10.62 9.37
C THR A 473 -22.12 -10.70 9.44
N PRO A 474 -21.53 -10.55 10.65
CA PRO A 474 -20.05 -10.63 10.79
C PRO A 474 -19.45 -11.96 10.37
N ASP A 475 -20.23 -13.04 10.39
CA ASP A 475 -19.72 -14.35 9.99
C ASP A 475 -19.94 -14.64 8.48
N TYR A 476 -20.32 -13.61 7.72
CA TYR A 476 -20.29 -13.65 6.27
C TYR A 476 -21.32 -14.61 5.63
N LYS A 477 -22.51 -14.71 6.22
CA LYS A 477 -23.64 -15.42 5.59
C LYS A 477 -24.35 -14.48 4.60
N PHE A 478 -24.76 -15.03 3.45
CA PHE A 478 -25.42 -14.28 2.39
C PHE A 478 -26.90 -14.72 2.20
N ASP A 479 -27.58 -14.79 3.33
CA ASP A 479 -28.96 -15.26 3.41
C ASP A 479 -30.01 -14.14 3.36
N ASP A 480 -29.62 -12.91 3.08
CA ASP A 480 -30.57 -11.80 3.17
C ASP A 480 -31.09 -11.48 1.77
N ALA A 481 -32.39 -11.79 1.51
CA ALA A 481 -32.95 -11.59 0.19
C ALA A 481 -32.87 -10.17 -0.28
N ASP A 482 -32.81 -9.18 0.63
CA ASP A 482 -32.73 -7.77 0.23
C ASP A 482 -31.30 -7.35 -0.15
N ALA A 483 -30.37 -8.27 -0.05
CA ALA A 483 -28.94 -7.98 -0.23
C ALA A 483 -28.40 -8.65 -1.51
N TRP A 484 -29.29 -9.02 -2.43
CA TRP A 484 -28.91 -9.59 -3.73
C TRP A 484 -29.39 -8.68 -4.84
N LYS A 485 -28.48 -8.35 -5.76
CA LYS A 485 -28.82 -7.48 -6.89
C LYS A 485 -28.38 -8.16 -8.19
N GLU A 486 -29.32 -8.38 -9.11
CA GLU A 486 -28.94 -8.90 -10.42
C GLU A 486 -28.40 -7.81 -11.32
N LEU A 487 -27.24 -8.09 -11.93
CA LEU A 487 -26.62 -7.19 -12.90
C LEU A 487 -27.27 -7.34 -14.29
N THR A 488 -27.47 -6.21 -14.97
CA THR A 488 -27.97 -6.21 -16.36
C THR A 488 -26.79 -6.18 -17.31
N LEU A 489 -26.57 -7.33 -17.94
CA LEU A 489 -25.33 -7.57 -18.67
C LEU A 489 -25.38 -7.02 -20.09
N SER A 490 -24.25 -6.50 -20.52
CA SER A 490 -24.03 -6.22 -21.94
C SER A 490 -22.58 -6.35 -22.30
N ASP A 491 -22.31 -6.28 -23.60
CA ASP A 491 -20.98 -6.46 -24.11
C ASP A 491 -20.06 -5.24 -23.84
N ASN A 492 -20.64 -4.09 -23.48
CA ASN A 492 -19.90 -2.85 -23.26
C ASN A 492 -19.84 -2.53 -21.76
N TRP A 493 -18.90 -1.69 -21.35
CA TRP A 493 -18.92 -1.18 -19.98
C TRP A 493 -20.26 -0.46 -19.72
N THR A 494 -20.87 -0.82 -18.60
CA THR A 494 -22.05 -0.11 -18.05
C THR A 494 -21.81 0.13 -16.58
N ASN A 495 -22.44 1.17 -16.05
CA ASN A 495 -22.33 1.53 -14.64
C ASN A 495 -23.73 1.66 -14.15
N GLU A 496 -24.12 0.78 -13.24
CA GLU A 496 -25.50 0.66 -12.77
C GLU A 496 -25.60 1.07 -11.30
N GLU A 497 -26.69 1.74 -10.93
CA GLU A 497 -26.95 2.13 -9.55
C GLU A 497 -28.15 1.34 -9.05
N PHE A 498 -28.03 0.84 -7.84
CA PHE A 498 -29.08 0.13 -7.12
C PHE A 498 -29.35 0.81 -5.78
N ASP A 499 -30.63 0.88 -5.43
CA ASP A 499 -31.04 1.47 -4.14
C ASP A 499 -30.85 0.43 -3.06
N LEU A 500 -30.09 0.77 -2.00
CA LEU A 500 -29.91 -0.15 -0.87
C LEU A 500 -30.77 0.21 0.37
N SER A 501 -31.74 1.10 0.17
CA SER A 501 -32.55 1.61 1.28
C SER A 501 -33.29 0.52 2.06
N SER A 502 -33.63 -0.59 1.39
CA SER A 502 -34.33 -1.68 2.08
C SER A 502 -33.48 -2.31 3.18
N LEU A 503 -32.16 -2.06 3.12
CA LEU A 503 -31.21 -2.55 4.10
C LEU A 503 -30.89 -1.50 5.18
N ALA A 504 -31.56 -0.34 5.15
CA ALA A 504 -31.30 0.75 6.10
C ALA A 504 -31.25 0.18 7.53
N GLY A 505 -30.25 0.61 8.28
CA GLY A 505 -30.04 0.19 9.65
C GLY A 505 -29.18 -1.03 9.83
N LYS A 506 -29.00 -1.78 8.75
CA LYS A 506 -28.13 -2.94 8.79
C LYS A 506 -26.69 -2.52 8.46
N THR A 507 -25.80 -3.48 8.61
CA THR A 507 -24.37 -3.30 8.32
C THR A 507 -23.95 -4.36 7.32
N ILE A 508 -23.26 -3.91 6.25
CA ILE A 508 -22.70 -4.86 5.27
C ILE A 508 -21.28 -5.28 5.71
N TYR A 509 -21.08 -6.60 5.83
CA TYR A 509 -19.83 -7.16 6.25
C TYR A 509 -19.00 -7.80 5.12
N ALA A 510 -19.64 -8.14 4.02
CA ALA A 510 -18.89 -8.69 2.86
C ALA A 510 -19.60 -8.43 1.56
N VAL A 511 -18.84 -8.56 0.48
CA VAL A 511 -19.33 -8.38 -0.86
C VAL A 511 -18.88 -9.57 -1.71
N LYS A 512 -19.82 -10.16 -2.44
CA LYS A 512 -19.46 -11.25 -3.35
C LYS A 512 -20.16 -11.08 -4.70
N LEU A 513 -19.59 -11.74 -5.70
CA LEU A 513 -20.24 -12.00 -7.00
C LEU A 513 -20.78 -13.42 -6.99
N PHE A 514 -21.90 -13.61 -7.70
CA PHE A 514 -22.51 -14.94 -7.91
C PHE A 514 -22.83 -15.05 -9.40
N PHE A 515 -22.45 -16.21 -9.96
CA PHE A 515 -22.61 -16.54 -11.39
C PHE A 515 -23.48 -17.77 -11.54
N GLU A 516 -24.47 -17.68 -12.46
CA GLU A 516 -25.25 -18.84 -12.91
C GLU A 516 -25.03 -18.99 -14.42
N HIS A 517 -24.62 -20.19 -14.79
CA HIS A 517 -24.59 -20.67 -16.18
C HIS A 517 -25.57 -21.85 -16.30
N GLU A 518 -26.46 -21.77 -17.30
CA GLU A 518 -27.46 -22.81 -17.50
C GLU A 518 -26.96 -23.95 -18.38
N GLY A 519 -25.85 -23.73 -19.07
CA GLY A 519 -25.18 -24.77 -19.86
C GLY A 519 -23.77 -24.36 -20.22
N ALA A 520 -23.18 -25.14 -21.12
CA ALA A 520 -21.79 -24.89 -21.52
C ALA A 520 -21.63 -23.52 -22.16
N VAL A 521 -20.50 -22.87 -21.85
CA VAL A 521 -20.16 -21.61 -22.49
C VAL A 521 -18.66 -21.60 -22.71
N LYS A 522 -18.28 -21.72 -23.99
CA LYS A 522 -16.90 -21.59 -24.39
C LYS A 522 -16.38 -20.16 -24.15
N ASP A 523 -15.21 -20.04 -23.56
CA ASP A 523 -14.50 -18.72 -23.30
C ASP A 523 -15.43 -17.62 -22.78
N TYR A 524 -16.08 -18.04 -21.73
CA TYR A 524 -16.84 -17.13 -20.88
C TYR A 524 -15.94 -16.06 -20.31
N GLN A 525 -16.44 -14.82 -20.30
CA GLN A 525 -15.75 -13.74 -19.61
C GLN A 525 -16.69 -12.66 -19.10
N PHE A 526 -16.42 -12.28 -17.86
CA PHE A 526 -17.10 -11.20 -17.17
C PHE A 526 -16.01 -10.33 -16.47
N ASN A 527 -16.15 -9.01 -16.60
CA ASN A 527 -15.27 -8.01 -15.91
C ASN A 527 -16.04 -7.17 -14.92
N LEU A 528 -15.45 -7.03 -13.72
CA LEU A 528 -15.90 -6.10 -12.72
C LEU A 528 -14.93 -4.92 -12.73
N GLY A 529 -15.47 -3.70 -12.90
CA GLY A 529 -14.66 -2.54 -13.09
C GLY A 529 -14.68 -1.48 -11.97
N GLN A 530 -15.76 -1.43 -11.18
CA GLN A 530 -15.89 -0.46 -10.12
C GLN A 530 -16.99 -0.94 -9.19
N LEU A 531 -16.78 -0.70 -7.90
CA LEU A 531 -17.73 -1.06 -6.87
C LEU A 531 -17.77 0.11 -5.90
N THR A 532 -18.96 0.66 -5.69
CA THR A 532 -19.16 1.77 -4.73
C THR A 532 -20.38 1.44 -3.85
N ILE A 533 -20.22 1.59 -2.55
CA ILE A 533 -21.36 1.55 -1.64
C ILE A 533 -21.26 2.87 -0.88
N SER A 534 -22.26 3.74 -1.00
CA SER A 534 -22.16 5.06 -0.34
C SER A 534 -23.51 5.71 -0.19
N ASP A 535 -23.62 6.56 0.83
CA ASP A 535 -24.81 7.43 0.99
C ASP A 535 -24.61 8.80 0.37
N ASN A 536 -23.55 8.94 -0.43
CA ASN A 536 -23.23 10.20 -1.11
C ASN A 536 -23.20 9.95 -2.64
N HIS A 537 -24.12 10.58 -3.38
CA HIS A 537 -24.13 10.44 -4.83
C HIS A 537 -23.67 11.73 -5.56
N GLN A 538 -23.26 12.71 -4.77
CA GLN A 538 -22.88 14.01 -5.30
C GLN A 538 -21.49 14.06 -5.95
N GLU A 539 -21.37 14.83 -7.03
CA GLU A 539 -20.04 15.20 -7.53
C GLU A 539 -19.32 15.99 -6.44
N PRO A 540 -18.06 15.64 -6.13
CA PRO A 540 -17.25 16.54 -5.28
C PRO A 540 -17.08 17.91 -5.98
N GLN A 541 -16.79 18.94 -5.19
CA GLN A 541 -16.56 20.26 -5.77
C GLN A 541 -15.32 20.21 -6.68
N SER A 542 -15.36 21.00 -7.76
CA SER A 542 -14.21 21.15 -8.63
C SER A 542 -13.03 21.78 -7.85
N PRO A 543 -11.80 21.35 -8.19
CA PRO A 543 -10.64 22.10 -7.71
C PRO A 543 -10.70 23.61 -8.08
N THR A 544 -10.04 24.43 -7.28
CA THR A 544 -10.00 25.87 -7.55
C THR A 544 -8.56 26.35 -7.57
N SER A 545 -8.36 27.59 -8.00
CA SER A 545 -7.02 28.23 -8.01
C SER A 545 -5.97 27.32 -8.65
N PHE A 546 -6.34 26.81 -9.83
CA PHE A 546 -5.52 25.87 -10.63
C PHE A 546 -4.60 26.65 -11.56
N SER A 547 -3.30 26.39 -11.47
CA SER A 547 -2.33 27.00 -12.36
C SER A 547 -1.10 26.13 -12.59
N VAL A 548 -0.36 26.47 -13.66
CA VAL A 548 0.96 25.95 -13.91
C VAL A 548 1.91 26.79 -13.09
N VAL A 549 2.57 26.17 -12.12
CA VAL A 549 3.48 26.98 -11.29
C VAL A 549 4.94 26.93 -11.76
N LYS A 550 5.30 25.90 -12.50
CA LYS A 550 6.65 25.78 -13.04
C LYS A 550 6.58 25.04 -14.33
N GLN A 551 7.52 25.35 -15.22
CA GLN A 551 7.65 24.61 -16.47
C GLN A 551 9.05 24.64 -17.04
N SER A 552 9.33 23.62 -17.85
CA SER A 552 10.61 23.49 -18.54
C SER A 552 10.40 22.80 -19.85
N LEU A 553 10.53 23.57 -20.93
CA LEU A 553 10.32 23.07 -22.27
C LEU A 553 11.57 22.33 -22.67
N LYS A 554 11.39 21.14 -23.19
CA LYS A 554 12.45 20.46 -23.93
C LYS A 554 12.57 21.01 -25.37
N ASN A 555 11.43 21.18 -26.00
CA ASN A 555 11.31 21.73 -27.33
C ASN A 555 9.87 22.28 -27.43
N ALA A 556 9.45 22.70 -28.64
CA ALA A 556 8.07 23.23 -28.84
C ALA A 556 6.95 22.17 -28.70
N GLN A 557 7.30 20.87 -28.60
CA GLN A 557 6.32 19.78 -28.55
C GLN A 557 6.34 18.99 -27.22
N GLU A 558 7.32 19.23 -26.37
CA GLU A 558 7.51 18.44 -25.12
C GLU A 558 8.00 19.31 -23.99
N ALA A 559 7.32 19.25 -22.84
CA ALA A 559 7.72 20.01 -21.68
C ALA A 559 7.43 19.24 -20.40
N GLU A 560 8.19 19.58 -19.36
CA GLU A 560 7.82 19.19 -17.97
C GLU A 560 7.08 20.38 -17.37
N ALA A 561 6.24 20.09 -16.37
CA ALA A 561 5.52 21.11 -15.64
C ALA A 561 5.20 20.62 -14.24
N VAL A 562 4.93 21.59 -13.38
CA VAL A 562 4.31 21.34 -12.07
C VAL A 562 3.09 22.24 -11.97
N VAL A 563 1.97 21.60 -11.64
CA VAL A 563 0.71 22.30 -11.46
C VAL A 563 0.29 22.24 -9.98
N GLN A 564 -0.50 23.22 -9.58
CA GLN A 564 -0.95 23.32 -8.20
C GLN A 564 -2.42 23.82 -8.22
N PHE A 565 -3.15 23.43 -7.20
CA PHE A 565 -4.55 23.84 -7.08
C PHE A 565 -4.97 23.65 -5.64
N LYS A 566 -6.19 24.08 -5.37
CA LYS A 566 -6.84 23.87 -4.07
C LYS A 566 -7.91 22.81 -4.24
N GLY A 567 -7.88 21.80 -3.37
CA GLY A 567 -8.87 20.75 -3.40
C GLY A 567 -9.89 20.87 -2.30
N ASN A 568 -10.44 19.74 -1.90
CA ASN A 568 -11.41 19.68 -0.84
C ASN A 568 -11.45 18.29 -0.23
N LYS A 569 -12.07 18.22 0.94
CA LYS A 569 -12.13 17.01 1.74
C LYS A 569 -12.83 15.82 1.10
N ASP A 570 -13.65 16.05 0.08
CA ASP A 570 -14.41 14.97 -0.56
C ASP A 570 -13.60 14.25 -1.62
N ALA A 571 -12.49 14.86 -2.03
CA ALA A 571 -11.61 14.28 -3.06
C ALA A 571 -10.77 13.13 -2.50
N ASP A 572 -10.82 12.00 -3.16
CA ASP A 572 -9.88 10.87 -2.84
C ASP A 572 -8.48 11.15 -3.45
N PHE A 573 -8.47 11.49 -4.75
CA PHE A 573 -7.31 11.85 -5.49
C PHE A 573 -7.75 12.69 -6.68
N TYR A 574 -6.77 13.12 -7.46
CA TYR A 574 -6.98 14.05 -8.58
C TYR A 574 -6.32 13.48 -9.81
N GLU A 575 -6.93 13.80 -10.97
CA GLU A 575 -6.40 13.44 -12.29
C GLU A 575 -6.08 14.70 -13.08
N VAL A 576 -4.93 14.74 -13.72
CA VAL A 576 -4.59 15.89 -14.57
C VAL A 576 -4.53 15.39 -16.05
N TYR A 577 -5.16 16.17 -16.94
CA TYR A 577 -5.27 15.89 -18.37
C TYR A 577 -4.73 17.09 -19.19
N GLU A 578 -4.28 16.78 -20.40
CA GLU A 578 -4.03 17.79 -21.43
C GLU A 578 -5.01 17.61 -22.61
N LYS A 579 -5.27 18.72 -23.29
CA LYS A 579 -6.07 18.70 -24.51
C LYS A 579 -5.07 18.53 -25.65
N ASP A 580 -5.16 17.39 -26.30
CA ASP A 580 -4.31 17.03 -27.42
C ASP A 580 -5.21 17.08 -28.65
N GLY A 581 -5.12 18.17 -29.39
CA GLY A 581 -6.03 18.40 -30.50
C GLY A 581 -7.45 18.49 -30.03
N ASP A 582 -8.27 17.56 -30.50
CA ASP A 582 -9.69 17.52 -30.16
C ASP A 582 -10.00 16.61 -28.96
N SER A 583 -8.99 16.06 -28.31
CA SER A 583 -9.20 15.00 -27.31
C SER A 583 -8.46 15.32 -26.02
N TRP A 584 -9.19 15.20 -24.92
CA TRP A 584 -8.60 15.19 -23.58
C TRP A 584 -7.91 13.84 -23.30
N LYS A 585 -6.68 13.92 -22.79
CA LYS A 585 -5.89 12.73 -22.49
C LYS A 585 -5.24 12.86 -21.10
N LEU A 586 -5.51 11.86 -20.27
CA LEU A 586 -4.98 11.82 -18.94
C LEU A 586 -3.47 11.71 -18.97
N LEU A 587 -2.82 12.53 -18.14
CA LEU A 587 -1.37 12.53 -17.96
C LEU A 587 -0.92 11.73 -16.75
N THR A 588 -1.52 12.07 -15.62
CA THR A 588 -1.18 11.44 -14.33
C THR A 588 -2.35 11.64 -13.33
N GLY A 589 -2.20 10.96 -12.19
CA GLY A 589 -3.10 11.14 -11.06
C GLY A 589 -2.25 11.14 -9.78
N SER A 590 -2.77 11.79 -8.74
CA SER A 590 -2.08 11.95 -7.46
C SER A 590 -3.08 12.29 -6.36
N SER A 591 -2.77 11.84 -5.13
CA SER A 591 -3.58 12.24 -3.97
C SER A 591 -3.29 13.70 -3.57
N SER A 592 -2.20 14.26 -4.10
CA SER A 592 -1.76 15.59 -3.72
C SER A 592 -2.39 16.73 -4.55
N THR A 593 -2.30 17.94 -4.02
CA THR A 593 -2.71 19.14 -4.76
C THR A 593 -1.54 19.88 -5.48
N THR A 594 -0.34 19.30 -5.40
CA THR A 594 0.77 19.71 -6.24
C THR A 594 1.19 18.48 -7.02
N ILE A 595 1.24 18.62 -8.33
CA ILE A 595 1.42 17.50 -9.21
C ILE A 595 2.44 17.80 -10.34
N TYR A 596 3.39 16.87 -10.48
CA TYR A 596 4.44 16.88 -11.52
C TYR A 596 3.94 16.19 -12.78
N LEU A 597 4.14 16.87 -13.91
CA LEU A 597 3.79 16.38 -15.23
C LEU A 597 5.10 16.18 -15.97
N PRO A 598 5.55 14.92 -16.10
CA PRO A 598 6.83 14.68 -16.77
C PRO A 598 6.83 15.00 -18.28
N LYS A 599 5.65 14.99 -18.88
CA LYS A 599 5.53 15.20 -20.34
C LYS A 599 4.18 15.78 -20.72
N VAL A 600 4.16 17.09 -20.89
CA VAL A 600 3.08 17.78 -21.57
C VAL A 600 3.53 17.85 -23.05
N SER A 601 2.67 17.44 -23.96
CA SER A 601 3.11 17.27 -25.35
C SER A 601 2.04 17.72 -26.33
N ARG A 602 2.52 18.14 -27.51
CA ARG A 602 1.69 18.58 -28.65
C ARG A 602 2.18 17.86 -29.89
N SER A 603 1.27 17.58 -30.83
CA SER A 603 1.66 16.93 -32.10
C SER A 603 2.21 17.95 -33.09
N ALA A 604 2.62 17.43 -34.24
CA ALA A 604 3.15 18.24 -35.33
C ALA A 604 2.13 19.23 -35.89
N SER A 605 0.85 18.84 -35.85
CA SER A 605 -0.29 19.64 -36.34
C SER A 605 -0.94 20.60 -35.34
N ALA A 606 -0.41 20.64 -34.10
CA ALA A 606 -0.96 21.52 -33.07
C ALA A 606 -0.92 22.98 -33.52
N GLN A 607 -2.01 23.66 -33.26
CA GLN A 607 -2.18 25.05 -33.56
C GLN A 607 -1.92 25.93 -32.36
N GLY A 608 -1.40 27.11 -32.65
CA GLY A 608 -1.20 28.15 -31.67
C GLY A 608 0.01 28.01 -30.75
N THR A 609 0.04 28.85 -29.72
CA THR A 609 1.16 28.91 -28.80
C THR A 609 0.80 28.43 -27.38
N THR A 610 -0.45 28.05 -27.17
CA THR A 610 -0.91 27.61 -25.85
C THR A 610 -1.70 26.28 -25.93
N GLN A 611 -1.95 25.70 -24.78
CA GLN A 611 -2.59 24.39 -24.72
C GLN A 611 -3.32 24.24 -23.39
N GLU A 612 -4.54 23.72 -23.44
CA GLU A 612 -5.37 23.60 -22.27
C GLU A 612 -4.98 22.37 -21.45
N LEU A 613 -4.98 22.56 -20.14
CA LEU A 613 -4.88 21.46 -19.16
C LEU A 613 -6.11 21.50 -18.28
N LYS A 614 -6.48 20.35 -17.71
CA LYS A 614 -7.56 20.33 -16.72
C LYS A 614 -7.24 19.37 -15.58
N VAL A 615 -7.85 19.65 -14.44
CA VAL A 615 -7.72 18.76 -13.26
C VAL A 615 -9.15 18.42 -12.76
N VAL A 616 -9.33 17.18 -12.34
CA VAL A 616 -10.59 16.66 -11.89
C VAL A 616 -10.35 15.97 -10.55
N ALA A 617 -11.26 16.20 -9.62
CA ALA A 617 -11.25 15.53 -8.32
C ALA A 617 -12.06 14.24 -8.52
N VAL A 618 -11.48 13.13 -8.10
CA VAL A 618 -12.20 11.87 -8.05
C VAL A 618 -12.62 11.69 -6.58
N GLY A 619 -13.91 11.67 -6.37
CA GLY A 619 -14.47 11.59 -5.01
C GLY A 619 -14.19 10.28 -4.25
N LYS A 620 -14.23 10.36 -2.93
CA LYS A 620 -14.26 9.18 -2.06
CA LYS A 620 -14.23 9.17 -2.08
C LYS A 620 -15.46 8.31 -2.36
N ASN A 621 -16.50 8.94 -2.95
CA ASN A 621 -17.67 8.20 -3.40
C ASN A 621 -17.62 7.70 -4.87
N GLY A 622 -16.44 7.82 -5.47
CA GLY A 622 -16.18 7.28 -6.80
C GLY A 622 -16.57 8.24 -7.95
N VAL A 623 -17.20 9.37 -7.63
CA VAL A 623 -17.75 10.31 -8.65
C VAL A 623 -16.74 11.42 -8.97
N ARG A 624 -16.58 11.71 -10.26
CA ARG A 624 -15.70 12.82 -10.66
C ARG A 624 -16.42 14.18 -10.49
N SER A 625 -15.64 15.15 -10.05
CA SER A 625 -16.00 16.57 -10.14
C SER A 625 -16.02 17.07 -11.60
N GLU A 626 -16.64 18.23 -11.76
CA GLU A 626 -16.42 19.05 -12.92
C GLU A 626 -14.94 19.47 -12.95
N ALA A 627 -14.41 19.66 -14.15
CA ALA A 627 -12.98 19.99 -14.33
C ALA A 627 -12.70 21.46 -14.00
N ALA A 628 -11.50 21.72 -13.51
CA ALA A 628 -10.91 23.06 -13.46
C ALA A 628 -9.92 23.12 -14.64
N THR A 629 -9.91 24.21 -15.40
CA THR A 629 -9.02 24.33 -16.55
C THR A 629 -8.00 25.46 -16.37
N THR A 630 -6.83 25.31 -16.99
CA THR A 630 -5.85 26.36 -17.12
C THR A 630 -5.15 26.22 -18.49
N THR A 631 -4.36 27.23 -18.84
CA THR A 631 -3.68 27.28 -20.12
C THR A 631 -2.18 27.21 -19.92
N PHE A 632 -1.57 26.20 -20.53
CA PHE A 632 -0.13 26.08 -20.58
C PHE A 632 0.38 26.91 -21.76
N ASP A 633 1.30 27.84 -21.48
CA ASP A 633 1.83 28.74 -22.49
C ASP A 633 3.19 28.23 -22.98
N TRP A 634 3.20 27.65 -24.18
CA TRP A 634 4.44 27.21 -24.83
C TRP A 634 5.34 28.38 -25.25
N GLY A 635 4.71 29.54 -25.49
CA GLY A 635 5.41 30.73 -25.95
C GLY A 635 5.80 30.71 -27.42
N MET A 636 5.39 29.67 -28.16
CA MET A 636 5.80 29.43 -29.55
C MET A 636 4.87 28.40 -30.19
N THR A 637 4.80 28.41 -31.53
CA THR A 637 4.06 27.41 -32.27
C THR A 637 4.98 26.21 -32.47
N VAL A 638 4.44 25.09 -32.94
CA VAL A 638 5.24 23.88 -33.15
C VAL A 638 6.09 24.01 -34.42
N LYS A 639 5.73 24.93 -35.31
CA LYS A 639 6.47 25.17 -36.58
C LYS A 639 7.49 26.31 -36.50
N ASP A 640 7.33 27.21 -35.53
CA ASP A 640 8.27 28.32 -35.33
C ASP A 640 9.71 27.88 -35.60
N THR A 641 10.23 27.10 -34.79
#